data_8TNP
#
_entry.id   8TNP
#
_cell.length_a   1.00
_cell.length_b   1.00
_cell.length_c   1.00
_cell.angle_alpha   90.00
_cell.angle_beta   90.00
_cell.angle_gamma   90.00
#
_symmetry.space_group_name_H-M   'P 1'
#
loop_
_entity.id
_entity.type
_entity.pdbx_description
1 polymer 'Protein cereblon'
2 polymer 'DNA damage-binding protein 1'
3 polymer 'Maltose/maltodextrin-binding periplasmic protein,SD40'
4 non-polymer 'ZINC ION'
5 non-polymer S-Pomalidomide
#
loop_
_entity_poly.entity_id
_entity_poly.type
_entity_poly.pdbx_seq_one_letter_code
_entity_poly.pdbx_strand_id
1 'polypeptide(L)'
;MDYKDDDDKSAVDENLYFQGGGRGGSAHIVMVDAYKPTKGGSGMAGEGDQQDAAHNMGNHLPLLPAESEEEDEMEVEDQD
SKEAKKPNIINFDTSLPTSHTYLGADMEEFHGRTLHDDDSCQVIPVLPQVMMILIPGQTLPLQLFHPQEVSMVRNLIQKD
RTFAVLAYSNVQEREAQFGTTAEIYAYREEQDFGIEIVKVKAIGRQRFKVLELRTQSDGIQQAKVQILPECVLPSTMSAV
QLESLNKCQIFPSKPVSREDQCSYKWWQKYQKRKFHCANLTSWPRWLYSLYDAETLMDRIKKQLREWDENLKDDSLPSNP
IDFSYRVAACLPIDDVLRIQLLKIGSAIQRLRCELDIMNKCTSLCCKQCQETEITTKNEIFSLSLCGPMAAYVNPHGYVH
ETLTVYKACNLNLIGRPSTEHSWFPGYAWTVAQCKICASHIGWKFTATKKDMSPQKFWGLTRSALLPTIPDTEDEISPDK
VILCL
;
B
2 'polypeptide(L)'
;MGSSHHHHHHSAVDENLYFQGGGRMSYNYVVTAQKPTAVNGCVTGHFTSAEDLNLLIAKNTRLEIYVVTAEGLRPVKEVG
MYGKIAVMELFRPKGESKDLLFILTAKYNACILEYKQSGESIDIITRAHGNVQDRIGRPSETGIIGIIDPECRMIGLRLY
DGLFKVIPLDRDNKELKAFNIRLEELHVIDVKFLYGCQAPTICFVYQDPQGRHVKTYEVSLREKEFNKGPWKQENVEAEA
SMVIAVPEPFGGAIIIGQESITYHNGDKYLAIAPPIIKQSTIVCHNRVDPNGSRYLLGDMEGRLFMLLLEKEEQMDGTVT
LKDLRVELLGETSIAECLTYLDNGVVFVGSRLGDSQLVKLNVDSNEQGSYVVAMETFTNLGPIVDMCVVDLERQGQGQLV
TCSGAFKEGSLRIIRNGIGGNGNSGEIQKLHIRTVPLYESPRKICYQEVSQCFGVLSSRIEVQDTSGGTTALRPSASTQA
LSSSVSSSKLFSSSTAPHETSFGEEVEVHNLLIIDQHTFEVLHAHQFLQNEYALSLVSCKLGKDPNTYFIVGTAMVYPEE
AEPKQGRIVVFQYSDGKLQTVAEKEVKGAVYSMVEFNGKLLASINSTVRLYEWTTEKELRTECNHYNNIMALYLKTKGDF
ILVGDLMRSVLLLAYKPMEGNFEEIARDFNPNWMSAVEILDDDNFLGAENAFNLFVCQKDSAATTDEERQHLQEVGLFHL
GEFVNVFCHGSLVMQNLGETSTPTQGSVLFGTVNGMIGLVTSLSESWYNLLLDMQNRLNKVIKSVGKIEHSFWRSFHTER
KTEPATGFIDGDLIESFLDISRPKMQEVVANLQYDDGSGMKREATADDLIKVVEELTRIH
;
A
3 'polypeptide(L)'
;MGLNDIFEAQKIEWHEGSSHHHHHHGSSKIEEGKLVIWINGDKGYNGLAEVGKKFEKDTGIKVTVEHPDKLEEKFPQVAA
TGDGPDIIFWAHDRFGGYAQSGLLAEITPDKAFQDKLYPFTWDAVRYNGKLIAYPIAVEALSLIYNKDLLPNPPKTWEEI
PALDKELKAKGKSALMFNLQEPYFTWPLIAADGGYAFKYENGKYDIKDVGVDNAGAKAGLTFLVDLIKNKHMNADTDYSI
AEAAFNKGETAMTINGPWAWSNIDTSKVNYGVTVLPTFKGQPSKPFVGVLSAGINAASPNKELAKEFLENYLLTDEGLEA
VNKDKPLGAVALKSYEEELAKDPRIAATMENAQKGEIMPNIPQMSAFWYAVRTAVINAASGRQTVDEALKDAQTRITKLE
VLFQGPDYKDDDDKSGGGGLLLFCPICGFTCRQKGNLLRHINLHTGEKLFKYHLY
;
C
#
# COMPACT_ATOMS: atom_id res chain seq x y z
N SER A 120 -8.97 21.23 17.90
CA SER A 120 -8.61 21.75 16.59
C SER A 120 -7.89 23.08 16.72
N CYS A 121 -8.63 24.11 17.13
CA CYS A 121 -8.09 25.46 17.28
C CYS A 121 -7.85 25.77 18.75
N GLN A 122 -6.76 26.46 19.04
CA GLN A 122 -6.41 26.79 20.41
C GLN A 122 -5.55 28.05 20.41
N VAL A 123 -5.34 28.59 21.62
CA VAL A 123 -4.49 29.76 21.84
C VAL A 123 -3.39 29.34 22.81
N ILE A 124 -2.14 29.65 22.47
CA ILE A 124 -1.01 29.22 23.28
C ILE A 124 0.00 30.34 23.39
N PRO A 125 0.65 30.47 24.54
CA PRO A 125 1.68 31.49 24.70
C PRO A 125 3.05 31.01 24.22
N VAL A 126 3.90 31.98 23.90
CA VAL A 126 5.23 31.72 23.33
C VAL A 126 6.26 32.52 24.09
N LEU A 127 7.29 31.84 24.61
CA LEU A 127 8.42 32.56 25.17
C LEU A 127 9.30 33.06 24.02
N PRO A 128 9.74 34.32 24.06
CA PRO A 128 10.40 34.90 22.89
C PRO A 128 11.85 34.48 22.73
N GLN A 129 12.53 34.22 23.84
CA GLN A 129 13.97 34.00 23.79
C GLN A 129 14.34 32.68 23.11
N VAL A 130 13.42 31.75 22.99
CA VAL A 130 13.71 30.43 22.43
C VAL A 130 13.62 30.54 20.91
N MET A 131 14.77 30.44 20.25
CA MET A 131 14.87 30.48 18.79
C MET A 131 15.47 29.15 18.33
N MET A 132 14.61 28.17 18.12
CA MET A 132 15.06 26.90 17.56
C MET A 132 13.84 26.09 17.15
N ILE A 133 13.92 25.47 15.98
CA ILE A 133 12.84 24.64 15.48
C ILE A 133 12.85 23.34 16.26
N LEU A 134 11.92 23.19 17.19
CA LEU A 134 11.84 22.01 18.04
C LEU A 134 11.07 20.91 17.33
N ILE A 135 11.59 19.69 17.40
CA ILE A 135 10.94 18.54 16.78
C ILE A 135 10.27 17.72 17.89
N PRO A 136 9.08 17.18 17.67
CA PRO A 136 8.43 16.41 18.74
C PRO A 136 9.33 15.27 19.23
N GLY A 137 9.35 15.09 20.54
CA GLY A 137 10.19 14.09 21.17
C GLY A 137 11.58 14.57 21.52
N GLN A 138 12.02 15.70 20.98
CA GLN A 138 13.33 16.24 21.29
C GLN A 138 13.29 16.98 22.62
N THR A 139 14.35 16.83 23.41
CA THR A 139 14.44 17.42 24.74
C THR A 139 15.14 18.77 24.63
N LEU A 140 14.45 19.81 25.07
CA LEU A 140 14.95 21.18 24.98
C LEU A 140 15.20 21.72 26.38
N PRO A 141 16.47 21.94 26.78
CA PRO A 141 16.75 22.58 28.06
C PRO A 141 16.92 24.08 27.90
N LEU A 142 16.51 24.82 28.92
CA LEU A 142 16.54 26.27 28.88
C LEU A 142 16.89 26.83 30.24
N GLN A 143 17.55 27.99 30.22
CA GLN A 143 17.69 28.86 31.37
C GLN A 143 16.88 30.13 31.12
N LEU A 144 16.28 30.66 32.18
CA LEU A 144 15.40 31.82 32.09
C LEU A 144 15.84 32.84 33.13
N PHE A 145 15.93 34.10 32.68
CA PHE A 145 16.58 35.19 33.37
C PHE A 145 15.67 36.39 33.60
N HIS A 146 15.05 36.91 32.55
CA HIS A 146 14.30 38.15 32.58
C HIS A 146 12.96 37.93 33.27
N PRO A 147 12.46 38.93 34.00
CA PRO A 147 11.23 38.70 34.78
C PRO A 147 10.04 38.21 33.97
N GLN A 148 9.87 38.68 32.73
CA GLN A 148 8.66 38.34 31.99
C GLN A 148 8.52 36.84 31.80
N GLU A 149 9.57 36.18 31.29
CA GLU A 149 9.48 34.74 31.09
C GLU A 149 9.44 33.99 32.41
N VAL A 150 10.04 34.55 33.47
CA VAL A 150 9.92 33.92 34.79
C VAL A 150 8.45 33.88 35.22
N SER A 151 7.75 35.01 35.08
CA SER A 151 6.33 35.02 35.39
C SER A 151 5.56 34.09 34.47
N MET A 152 5.90 34.08 33.19
CA MET A 152 5.19 33.22 32.24
C MET A 152 5.32 31.76 32.64
N VAL A 153 6.54 31.32 32.97
CA VAL A 153 6.74 29.92 33.30
C VAL A 153 6.09 29.57 34.64
N ARG A 154 6.16 30.49 35.62
CA ARG A 154 5.53 30.19 36.90
C ARG A 154 4.01 30.17 36.78
N ASN A 155 3.45 30.91 35.83
CA ASN A 155 2.01 30.84 35.57
C ASN A 155 1.63 29.59 34.79
N LEU A 156 2.50 29.17 33.86
CA LEU A 156 2.19 28.03 33.01
C LEU A 156 2.39 26.70 33.73
N ILE A 157 3.34 26.65 34.66
CA ILE A 157 3.63 25.39 35.35
C ILE A 157 2.41 24.91 36.12
N GLN A 158 1.75 25.82 36.86
CA GLN A 158 0.52 25.44 37.54
C GLN A 158 -0.56 25.07 36.55
N LYS A 159 -0.67 25.82 35.46
CA LYS A 159 -1.64 25.53 34.41
C LYS A 159 -1.09 24.43 33.52
N ASP A 160 -1.75 24.19 32.40
CA ASP A 160 -1.25 23.22 31.43
C ASP A 160 0.14 23.63 30.95
N ARG A 161 1.06 22.66 30.88
CA ARG A 161 2.42 22.91 30.44
C ARG A 161 2.47 22.83 28.92
N THR A 162 1.96 23.90 28.28
CA THR A 162 1.79 23.90 26.83
C THR A 162 2.64 24.97 26.15
N PHE A 163 3.85 25.16 26.65
CA PHE A 163 4.85 25.97 25.96
C PHE A 163 4.84 25.68 24.46
N ALA A 164 4.75 26.73 23.65
CA ALA A 164 4.75 26.61 22.20
C ALA A 164 5.94 27.34 21.61
N VAL A 165 6.63 26.67 20.68
CA VAL A 165 7.84 27.20 20.07
C VAL A 165 7.56 27.32 18.58
N LEU A 166 7.76 28.53 18.04
CA LEU A 166 7.45 28.81 16.64
C LEU A 166 8.70 28.63 15.80
N ALA A 167 8.57 27.92 14.68
CA ALA A 167 9.66 27.84 13.72
C ALA A 167 9.69 29.10 12.88
N TYR A 168 10.66 29.97 13.15
CA TYR A 168 10.72 31.28 12.53
C TYR A 168 11.27 31.15 11.13
N SER A 169 10.38 31.27 10.12
CA SER A 169 10.84 31.30 8.74
C SER A 169 11.67 32.54 8.46
N ASN A 170 11.20 33.70 8.91
CA ASN A 170 11.95 34.95 8.80
C ASN A 170 12.68 35.24 10.09
N VAL A 171 13.97 35.56 9.97
CA VAL A 171 14.79 35.92 11.12
C VAL A 171 14.36 37.23 11.77
N GLN A 172 13.32 37.89 11.24
CA GLN A 172 12.80 39.10 11.84
C GLN A 172 11.95 38.84 13.08
N GLU A 173 11.73 37.58 13.44
CA GLU A 173 10.94 37.19 14.61
C GLU A 173 9.49 37.67 14.51
N ARG A 174 8.96 37.78 13.30
CA ARG A 174 7.58 38.22 13.13
C ARG A 174 6.87 37.44 12.02
N GLU A 175 7.38 36.28 11.63
CA GLU A 175 6.73 35.47 10.61
C GLU A 175 6.93 34.00 10.97
N ALA A 176 5.90 33.38 11.52
CA ALA A 176 5.93 31.97 11.88
C ALA A 176 4.71 31.29 11.28
N GLN A 177 4.95 30.19 10.57
CA GLN A 177 3.89 29.42 9.93
C GLN A 177 3.58 28.12 10.64
N PHE A 178 4.61 27.37 11.02
CA PHE A 178 4.45 26.11 11.73
C PHE A 178 5.25 26.15 13.03
N GLY A 179 4.79 25.39 14.01
CA GLY A 179 5.48 25.33 15.27
C GLY A 179 5.14 24.04 15.99
N THR A 180 5.66 23.91 17.20
CA THR A 180 5.39 22.72 18.00
C THR A 180 5.04 23.11 19.42
N THR A 181 4.06 22.41 19.98
CA THR A 181 3.60 22.66 21.34
C THR A 181 4.53 21.93 22.30
N ALA A 182 5.56 22.60 22.78
CA ALA A 182 6.48 22.00 23.73
C ALA A 182 5.78 21.75 25.06
N GLU A 183 6.27 20.77 25.79
CA GLU A 183 5.72 20.42 27.09
C GLU A 183 6.86 20.38 28.12
N ILE A 184 6.70 21.13 29.20
CA ILE A 184 7.69 21.14 30.27
C ILE A 184 7.54 19.88 31.11
N TYR A 185 8.65 19.18 31.34
CA TYR A 185 8.64 18.02 32.22
C TYR A 185 9.67 18.10 33.34
N ALA A 186 10.52 19.14 33.36
CA ALA A 186 11.40 19.33 34.49
C ALA A 186 11.54 20.82 34.78
N TYR A 187 11.51 21.17 36.07
CA TYR A 187 11.53 22.54 36.54
C TYR A 187 12.43 22.64 37.76
N ARG A 188 13.23 23.70 37.83
CA ARG A 188 14.03 23.95 39.02
C ARG A 188 14.36 25.43 39.08
N GLU A 189 14.68 25.89 40.28
CA GLU A 189 15.00 27.29 40.52
C GLU A 189 16.30 27.39 41.28
N GLU A 190 17.10 28.40 40.94
CA GLU A 190 18.39 28.66 41.57
C GLU A 190 18.50 30.16 41.80
N GLN A 191 18.21 30.59 43.03
CA GLN A 191 18.17 32.01 43.35
C GLN A 191 19.55 32.61 43.57
N ASP A 192 20.60 31.89 43.21
CA ASP A 192 21.95 32.44 43.33
C ASP A 192 22.07 33.67 42.44
N PHE A 193 23.21 34.35 42.57
CA PHE A 193 23.47 35.62 41.88
C PHE A 193 22.50 36.72 42.33
N GLY A 194 21.73 36.48 43.38
CA GLY A 194 20.79 37.47 43.89
C GLY A 194 19.54 37.63 43.07
N ILE A 195 19.30 36.77 42.08
CA ILE A 195 18.23 36.95 41.12
C ILE A 195 17.61 35.61 40.75
N GLU A 196 16.44 35.69 40.11
CA GLU A 196 15.56 34.53 39.92
C GLU A 196 15.89 33.79 38.61
N ILE A 197 17.02 33.11 38.62
CA ILE A 197 17.33 32.19 37.55
C ILE A 197 16.45 30.95 37.69
N VAL A 198 15.89 30.47 36.57
CA VAL A 198 15.14 29.22 36.61
C VAL A 198 15.49 28.37 35.41
N LYS A 199 15.65 27.06 35.64
CA LYS A 199 16.07 26.13 34.60
C LYS A 199 14.96 25.14 34.34
N VAL A 200 14.66 24.92 33.06
CA VAL A 200 13.56 24.05 32.66
C VAL A 200 14.04 23.08 31.60
N LYS A 201 13.34 21.96 31.49
CA LYS A 201 13.54 21.00 30.41
C LYS A 201 12.18 20.60 29.90
N ALA A 202 11.95 20.83 28.60
CA ALA A 202 10.68 20.54 27.96
C ALA A 202 10.91 19.57 26.81
N ILE A 203 9.82 19.15 26.19
CA ILE A 203 9.87 18.20 25.08
C ILE A 203 8.76 18.54 24.09
N GLY A 204 9.06 18.47 22.81
CA GLY A 204 8.05 18.73 21.80
C GLY A 204 7.02 17.61 21.75
N ARG A 205 5.76 17.98 21.58
CA ARG A 205 4.66 17.00 21.55
C ARG A 205 3.94 16.98 20.21
N GLN A 206 3.40 18.10 19.75
CA GLN A 206 2.55 18.11 18.57
C GLN A 206 2.94 19.27 17.67
N ARG A 207 2.53 19.17 16.40
CA ARG A 207 2.82 20.16 15.39
C ARG A 207 1.57 20.96 15.10
N PHE A 208 1.70 22.29 15.07
CA PHE A 208 0.57 23.18 14.91
C PHE A 208 0.85 24.21 13.82
N LYS A 209 -0.23 24.68 13.22
CA LYS A 209 -0.19 25.68 12.16
C LYS A 209 -0.56 27.04 12.73
N VAL A 210 0.21 28.06 12.39
CA VAL A 210 0.00 29.40 12.92
C VAL A 210 -1.18 30.03 12.21
N LEU A 211 -2.30 30.18 12.92
CA LEU A 211 -3.44 30.91 12.37
C LEU A 211 -3.24 32.42 12.47
N GLU A 212 -2.94 32.92 13.66
CA GLU A 212 -2.71 34.35 13.80
C GLU A 212 -1.88 34.61 15.04
N LEU A 213 -1.18 35.74 15.06
CA LEU A 213 -0.32 36.14 16.16
C LEU A 213 -0.98 37.31 16.89
N ARG A 214 -1.76 36.99 17.92
CA ARG A 214 -2.44 38.02 18.73
C ARG A 214 -1.55 38.38 19.91
N THR A 215 -0.49 39.14 19.63
CA THR A 215 0.38 39.62 20.69
C THR A 215 -0.40 40.55 21.62
N GLN A 216 -0.17 40.39 22.92
CA GLN A 216 -0.82 41.25 23.90
C GLN A 216 -0.30 42.68 23.88
N SER A 217 0.77 42.94 23.12
CA SER A 217 1.47 44.23 23.04
C SER A 217 2.42 44.40 24.23
N ASP A 218 2.45 43.46 25.16
CA ASP A 218 3.36 43.51 26.29
C ASP A 218 4.61 42.68 26.05
N GLY A 219 4.82 42.22 24.81
CA GLY A 219 5.79 41.20 24.53
C GLY A 219 5.25 39.79 24.67
N ILE A 220 4.01 39.64 25.09
CA ILE A 220 3.38 38.33 25.26
C ILE A 220 2.88 37.91 23.88
N GLN A 221 3.63 37.03 23.23
CA GLN A 221 3.27 36.56 21.89
C GLN A 221 2.28 35.42 22.03
N GLN A 222 1.00 35.76 22.14
CA GLN A 222 -0.07 34.77 22.17
C GLN A 222 -0.47 34.43 20.75
N ALA A 223 -0.48 33.13 20.44
CA ALA A 223 -0.71 32.67 19.08
C ALA A 223 -1.96 31.81 19.03
N LYS A 224 -2.86 32.13 18.11
CA LYS A 224 -3.97 31.26 17.76
C LYS A 224 -3.49 30.30 16.69
N VAL A 225 -3.58 29.00 16.98
CA VAL A 225 -3.02 27.96 16.13
C VAL A 225 -4.00 26.80 16.06
N GLN A 226 -3.67 25.82 15.22
CA GLN A 226 -4.42 24.57 15.12
C GLN A 226 -3.46 23.40 15.15
N ILE A 227 -3.87 22.32 15.80
CA ILE A 227 -3.02 21.14 15.95
C ILE A 227 -3.13 20.29 14.69
N LEU A 228 -2.01 20.08 14.01
CA LEU A 228 -2.02 19.26 12.80
C LEU A 228 -2.12 17.78 13.14
N PRO A 229 -2.73 16.98 12.27
CA PRO A 229 -2.80 15.54 12.53
C PRO A 229 -1.65 14.78 11.89
N GLU A 230 -1.60 13.47 12.11
CA GLU A 230 -0.66 12.58 11.44
C GLU A 230 -1.45 11.67 10.52
N CYS A 231 -1.31 11.86 9.21
CA CYS A 231 -2.06 11.07 8.24
C CYS A 231 -1.44 9.67 8.19
N VAL A 232 -2.08 8.73 8.88
CA VAL A 232 -1.60 7.36 8.96
C VAL A 232 -2.27 6.56 7.84
N LEU A 233 -1.46 6.07 6.89
CA LEU A 233 -1.95 5.28 5.77
C LEU A 233 -1.94 3.79 6.10
N PRO A 234 -2.79 3.00 5.47
CA PRO A 234 -2.71 1.55 5.63
C PRO A 234 -1.58 0.95 4.81
N SER A 235 -1.32 -0.33 5.05
CA SER A 235 -0.24 -1.00 4.34
C SER A 235 -0.51 -1.02 2.84
N THR A 236 0.56 -0.94 2.05
CA THR A 236 0.41 -0.84 0.61
C THR A 236 -0.46 -1.95 0.05
N MET A 237 -0.15 -3.20 0.41
CA MET A 237 -0.88 -4.34 -0.13
C MET A 237 -2.03 -4.75 0.78
N SER A 238 -2.86 -3.77 1.14
CA SER A 238 -4.08 -4.04 1.88
C SER A 238 -5.33 -4.00 1.01
N ALA A 239 -5.20 -3.47 -0.21
CA ALA A 239 -6.31 -3.46 -1.16
C ALA A 239 -6.26 -4.66 -2.10
N VAL A 240 -5.10 -4.92 -2.70
CA VAL A 240 -4.96 -6.03 -3.63
C VAL A 240 -4.78 -7.36 -2.95
N GLN A 241 -4.82 -7.41 -1.61
CA GLN A 241 -4.48 -8.63 -0.91
C GLN A 241 -5.37 -9.79 -1.34
N LEU A 242 -4.76 -10.95 -1.54
CA LEU A 242 -5.49 -12.18 -1.78
C LEU A 242 -6.10 -12.63 -0.46
N GLU A 243 -7.42 -12.80 -0.44
CA GLU A 243 -8.08 -13.12 0.82
C GLU A 243 -7.75 -14.54 1.28
N SER A 244 -7.45 -15.45 0.36
CA SER A 244 -7.19 -16.84 0.74
C SER A 244 -5.89 -16.95 1.54
N LEU A 245 -4.81 -16.35 1.04
CA LEU A 245 -3.52 -16.41 1.70
C LEU A 245 -3.36 -15.33 2.75
N ASN A 246 -4.40 -14.55 3.01
CA ASN A 246 -4.32 -13.46 3.97
C ASN A 246 -4.05 -13.96 5.39
N LYS A 247 -4.34 -15.22 5.67
CA LYS A 247 -4.08 -15.76 7.01
C LYS A 247 -2.59 -15.85 7.29
N CYS A 248 -1.78 -16.07 6.27
CA CYS A 248 -0.34 -16.17 6.44
C CYS A 248 0.33 -14.83 6.67
N GLN A 249 -0.42 -13.72 6.58
CA GLN A 249 0.18 -12.41 6.77
C GLN A 249 0.86 -12.29 8.12
N ILE A 250 0.30 -12.93 9.14
CA ILE A 250 0.95 -13.01 10.44
C ILE A 250 2.08 -14.03 10.35
N PHE A 251 3.22 -13.69 10.92
CA PHE A 251 4.43 -14.49 10.84
C PHE A 251 5.29 -14.23 12.05
N PRO A 252 6.05 -15.22 12.52
CA PRO A 252 6.84 -15.03 13.74
C PRO A 252 7.84 -13.90 13.58
N SER A 253 8.03 -13.15 14.67
CA SER A 253 8.95 -12.02 14.69
C SER A 253 10.27 -12.44 15.33
N LYS A 254 11.37 -12.18 14.63
CA LYS A 254 12.69 -12.51 15.15
C LYS A 254 13.65 -11.35 14.89
N SER A 263 19.98 -12.60 10.10
CA SER A 263 18.81 -11.73 9.98
C SER A 263 18.50 -11.43 8.51
N TYR A 264 19.55 -11.38 7.68
CA TYR A 264 19.38 -11.08 6.27
C TYR A 264 18.34 -12.00 5.64
N LYS A 265 18.46 -13.31 5.86
CA LYS A 265 17.46 -14.23 5.35
C LYS A 265 16.09 -13.91 5.91
N TRP A 266 16.03 -13.45 7.16
CA TRP A 266 14.74 -13.10 7.74
C TRP A 266 14.09 -11.95 6.98
N TRP A 267 14.87 -10.93 6.62
CA TRP A 267 14.29 -9.83 5.87
C TRP A 267 13.91 -10.26 4.46
N GLN A 268 14.73 -11.10 3.83
CA GLN A 268 14.40 -11.60 2.51
C GLN A 268 13.15 -12.47 2.51
N LYS A 269 12.83 -13.11 3.64
CA LYS A 269 11.57 -13.81 3.78
C LYS A 269 10.42 -12.87 4.11
N TYR A 270 10.67 -11.82 4.90
CA TYR A 270 9.64 -10.83 5.17
C TYR A 270 9.14 -10.21 3.88
N GLN A 271 10.07 -9.86 2.99
CA GLN A 271 9.66 -9.25 1.72
C GLN A 271 8.89 -10.23 0.86
N LYS A 272 9.28 -11.51 0.88
CA LYS A 272 8.64 -12.50 0.03
C LYS A 272 7.28 -12.92 0.55
N ARG A 273 6.98 -12.65 1.82
CA ARG A 273 5.72 -13.03 2.43
C ARG A 273 4.70 -11.90 2.46
N LYS A 274 5.13 -10.69 2.81
CA LYS A 274 4.19 -9.60 2.98
C LYS A 274 3.68 -9.08 1.64
N PHE A 275 4.55 -8.96 0.64
CA PHE A 275 4.17 -8.47 -0.67
C PHE A 275 4.06 -9.59 -1.69
N HIS A 276 3.56 -10.75 -1.27
CA HIS A 276 3.38 -11.86 -2.20
C HIS A 276 2.38 -11.52 -3.28
N CYS A 277 1.40 -10.67 -2.98
CA CYS A 277 0.37 -10.31 -3.94
C CYS A 277 0.83 -9.25 -4.92
N ALA A 278 2.10 -8.84 -4.87
CA ALA A 278 2.59 -7.86 -5.83
C ALA A 278 2.48 -8.36 -7.26
N ASN A 279 2.32 -9.66 -7.46
CA ASN A 279 2.10 -10.19 -8.79
C ASN A 279 0.84 -9.63 -9.43
N LEU A 280 -0.18 -9.32 -8.63
CA LEU A 280 -1.44 -8.84 -9.17
C LEU A 280 -1.36 -7.42 -9.67
N THR A 281 -0.33 -6.66 -9.30
CA THR A 281 -0.19 -5.27 -9.68
C THR A 281 1.06 -5.11 -10.52
N SER A 282 1.22 -3.92 -11.10
CA SER A 282 2.23 -3.70 -12.11
C SER A 282 3.60 -3.40 -11.55
N TRP A 283 3.78 -3.43 -10.23
CA TRP A 283 5.07 -3.11 -9.64
C TRP A 283 5.65 -4.30 -8.89
N PRO A 284 6.97 -4.40 -8.81
CA PRO A 284 7.60 -5.53 -8.12
C PRO A 284 7.56 -5.37 -6.61
N ARG A 285 7.98 -6.44 -5.93
CA ARG A 285 8.02 -6.41 -4.47
C ARG A 285 9.01 -5.37 -3.96
N TRP A 286 10.19 -5.27 -4.57
CA TRP A 286 11.20 -4.37 -4.03
C TRP A 286 10.79 -2.92 -4.17
N LEU A 287 9.87 -2.59 -5.08
CA LEU A 287 9.35 -1.23 -5.13
C LEU A 287 8.35 -0.97 -4.03
N TYR A 288 7.60 -1.97 -3.60
CA TYR A 288 6.70 -1.82 -2.46
C TYR A 288 7.44 -1.91 -1.14
N SER A 289 8.66 -2.44 -1.14
CA SER A 289 9.49 -2.47 0.04
C SER A 289 10.18 -1.14 0.31
N LEU A 290 10.20 -0.25 -0.67
CA LEU A 290 10.73 1.09 -0.47
C LEU A 290 9.73 2.00 0.22
N TYR A 291 8.47 1.59 0.32
CA TYR A 291 7.44 2.36 1.00
C TYR A 291 6.90 1.67 2.24
N ASP A 292 7.47 0.53 2.63
CA ASP A 292 7.01 -0.18 3.81
C ASP A 292 7.65 0.41 5.06
N ALA A 293 6.86 0.52 6.13
CA ALA A 293 7.36 1.16 7.34
C ALA A 293 8.49 0.36 7.98
N GLU A 294 8.34 -0.97 8.06
CA GLU A 294 9.32 -1.75 8.81
C GLU A 294 10.65 -1.85 8.07
N THR A 295 10.62 -2.18 6.78
CA THR A 295 11.87 -2.31 6.04
C THR A 295 12.59 -0.98 5.97
N LEU A 296 11.84 0.12 5.92
CA LEU A 296 12.44 1.45 5.89
C LEU A 296 12.96 1.85 7.25
N MET A 297 12.33 1.37 8.33
CA MET A 297 12.87 1.56 9.67
C MET A 297 14.20 0.85 9.82
N ASP A 298 14.33 -0.35 9.27
CA ASP A 298 15.53 -1.14 9.49
C ASP A 298 16.77 -0.46 8.94
N ARG A 299 16.66 0.16 7.76
CA ARG A 299 17.81 0.84 7.17
C ARG A 299 18.25 2.00 8.04
N ILE A 300 17.29 2.78 8.56
CA ILE A 300 17.64 3.86 9.46
C ILE A 300 18.28 3.32 10.73
N LYS A 301 17.79 2.19 11.23
CA LYS A 301 18.40 1.58 12.40
C LYS A 301 19.84 1.21 12.14
N LYS A 302 20.11 0.62 10.97
CA LYS A 302 21.49 0.26 10.64
C LYS A 302 22.37 1.51 10.61
N GLN A 303 21.91 2.56 9.92
CA GLN A 303 22.75 3.74 9.75
C GLN A 303 22.84 4.56 11.03
N LEU A 304 21.96 4.32 12.00
CA LEU A 304 22.13 4.94 13.31
C LEU A 304 23.10 4.15 14.17
N ARG A 305 22.94 2.82 14.19
CA ARG A 305 23.88 1.97 14.92
C ARG A 305 25.30 2.20 14.43
N GLU A 306 25.46 2.51 13.14
CA GLU A 306 26.79 2.83 12.65
C GLU A 306 27.34 4.10 13.30
N TRP A 307 26.50 4.91 13.95
CA TRP A 307 26.96 6.13 14.58
C TRP A 307 27.19 6.00 16.08
N ASP A 308 26.39 5.21 16.79
CA ASP A 308 26.49 5.11 18.24
C ASP A 308 27.37 3.96 18.70
N GLU A 309 27.31 2.81 18.06
CA GLU A 309 28.07 1.61 18.40
C GLU A 309 27.65 1.00 19.72
N ASN A 310 26.68 1.60 20.44
CA ASN A 310 26.11 0.98 21.63
C ASN A 310 24.60 1.16 21.68
N LEU A 311 23.97 1.44 20.54
CA LEU A 311 22.53 1.66 20.48
C LEU A 311 21.83 0.33 20.60
N LYS A 312 21.24 0.05 21.76
CA LYS A 312 20.47 -1.16 21.94
C LYS A 312 19.20 -1.10 21.11
N ASP A 313 18.84 -2.22 20.50
CA ASP A 313 17.68 -2.26 19.62
C ASP A 313 16.43 -1.70 20.30
N ASP A 314 16.29 -1.94 21.60
CA ASP A 314 15.09 -1.57 22.33
C ASP A 314 15.07 -0.11 22.75
N SER A 315 16.18 0.61 22.59
CA SER A 315 16.19 2.03 22.96
C SER A 315 15.27 2.85 22.08
N LEU A 316 15.26 2.58 20.77
CA LEU A 316 14.43 3.33 19.85
C LEU A 316 12.97 2.92 19.99
N PRO A 317 12.05 3.79 19.58
CA PRO A 317 10.62 3.41 19.63
C PRO A 317 10.30 2.29 18.65
N SER A 318 9.03 1.91 18.57
CA SER A 318 8.63 0.76 17.76
C SER A 318 7.57 1.09 16.71
N ASN A 319 7.18 2.34 16.55
CA ASN A 319 6.16 2.70 15.58
C ASN A 319 6.64 3.85 14.71
N PRO A 320 6.18 3.92 13.47
CA PRO A 320 6.79 4.86 12.51
C PRO A 320 6.76 6.31 12.95
N ILE A 321 5.69 6.76 13.59
CA ILE A 321 5.60 8.18 13.95
C ILE A 321 6.72 8.54 14.92
N ASP A 322 6.79 7.84 16.04
CA ASP A 322 7.80 8.14 17.04
C ASP A 322 9.20 7.91 16.51
N PHE A 323 9.39 6.85 15.72
CA PHE A 323 10.71 6.58 15.17
C PHE A 323 11.17 7.70 14.27
N SER A 324 10.31 8.15 13.36
CA SER A 324 10.70 9.22 12.46
C SER A 324 10.99 10.50 13.23
N TYR A 325 10.16 10.82 14.22
CA TYR A 325 10.40 12.03 14.99
C TYR A 325 11.72 11.95 15.75
N ARG A 326 12.04 10.78 16.31
CA ARG A 326 13.30 10.64 17.03
C ARG A 326 14.50 10.74 16.11
N VAL A 327 14.42 10.11 14.93
CA VAL A 327 15.55 10.18 14.00
C VAL A 327 15.76 11.61 13.54
N ALA A 328 14.68 12.32 13.25
CA ALA A 328 14.82 13.70 12.79
C ALA A 328 15.56 14.56 13.80
N ALA A 329 15.51 14.19 15.08
CA ALA A 329 16.10 14.99 16.14
C ALA A 329 17.60 14.77 16.30
N CYS A 330 18.19 13.82 15.57
CA CYS A 330 19.61 13.55 15.69
C CYS A 330 20.40 13.84 14.42
N LEU A 331 19.76 14.02 13.28
CA LEU A 331 20.50 14.34 12.07
C LEU A 331 21.00 15.78 12.13
N PRO A 332 22.09 16.08 11.41
CA PRO A 332 22.58 17.47 11.35
C PRO A 332 21.87 18.31 10.30
N ILE A 333 20.54 18.39 10.41
CA ILE A 333 19.74 19.24 9.56
C ILE A 333 19.80 20.66 10.10
N ASP A 334 20.00 21.65 9.23
CA ASP A 334 20.35 22.96 9.78
C ASP A 334 19.15 23.78 10.25
N ASP A 335 18.34 24.34 9.34
CA ASP A 335 17.15 25.06 9.77
C ASP A 335 15.96 24.83 8.84
N VAL A 336 16.22 24.81 7.54
CA VAL A 336 15.14 24.80 6.55
C VAL A 336 14.78 23.39 6.11
N LEU A 337 15.69 22.43 6.24
CA LEU A 337 15.36 21.04 6.03
C LEU A 337 14.73 20.41 7.26
N ARG A 338 14.60 21.16 8.36
CA ARG A 338 13.80 20.73 9.49
C ARG A 338 12.36 21.22 9.38
N ILE A 339 12.17 22.48 9.02
CA ILE A 339 10.82 22.98 8.79
C ILE A 339 10.15 22.22 7.65
N GLN A 340 10.96 21.66 6.73
CA GLN A 340 10.40 20.78 5.72
C GLN A 340 9.98 19.45 6.32
N LEU A 341 10.86 18.83 7.11
CA LEU A 341 10.47 17.59 7.78
C LEU A 341 9.33 17.84 8.75
N LEU A 342 9.39 18.94 9.49
CA LEU A 342 8.39 19.23 10.50
C LEU A 342 7.01 19.43 9.90
N LYS A 343 6.91 19.70 8.59
CA LYS A 343 5.63 19.95 7.96
C LYS A 343 5.18 18.81 7.05
N ILE A 344 5.82 17.65 7.10
CA ILE A 344 5.40 16.48 6.36
C ILE A 344 4.54 15.62 7.27
N GLY A 345 3.25 15.50 6.94
CA GLY A 345 2.33 14.81 7.82
C GLY A 345 2.46 13.30 7.83
N SER A 346 2.77 12.71 6.69
CA SER A 346 2.76 11.25 6.57
C SER A 346 4.05 10.67 7.13
N ALA A 347 3.93 9.71 8.05
CA ALA A 347 5.11 9.15 8.70
C ALA A 347 6.03 8.49 7.68
N ILE A 348 5.46 7.77 6.71
CA ILE A 348 6.29 7.15 5.68
C ILE A 348 7.04 8.19 4.89
N GLN A 349 6.40 9.33 4.62
CA GLN A 349 7.09 10.40 3.92
C GLN A 349 8.29 10.89 4.72
N ARG A 350 8.10 11.05 6.04
CA ARG A 350 9.22 11.50 6.87
C ARG A 350 10.34 10.48 6.89
N LEU A 351 10.01 9.18 6.98
CA LEU A 351 11.06 8.18 6.96
C LEU A 351 11.84 8.22 5.66
N ARG A 352 11.12 8.33 4.54
CA ARG A 352 11.80 8.37 3.24
C ARG A 352 12.70 9.60 3.14
N CYS A 353 12.20 10.76 3.56
CA CYS A 353 13.00 11.98 3.47
C CYS A 353 14.21 11.92 4.38
N GLU A 354 14.04 11.38 5.59
CA GLU A 354 15.16 11.27 6.50
C GLU A 354 16.24 10.36 5.92
N LEU A 355 15.82 9.23 5.35
CA LEU A 355 16.81 8.33 4.77
C LEU A 355 17.47 8.94 3.54
N ASP A 356 16.71 9.71 2.76
CA ASP A 356 17.28 10.50 1.68
C ASP A 356 18.39 11.41 2.18
N ILE A 357 18.10 12.20 3.22
CA ILE A 357 19.11 13.11 3.75
C ILE A 357 20.32 12.32 4.24
N MET A 358 20.07 11.24 4.96
CA MET A 358 21.15 10.49 5.59
C MET A 358 22.06 9.86 4.55
N ASN A 359 21.51 9.43 3.43
CA ASN A 359 22.33 8.79 2.40
C ASN A 359 23.02 9.83 1.51
N LYS A 360 22.25 10.66 0.82
CA LYS A 360 22.85 11.49 -0.23
C LYS A 360 23.86 12.49 0.34
N CYS A 361 23.55 13.11 1.48
CA CYS A 361 24.37 14.19 2.00
C CYS A 361 25.30 13.67 3.09
N THR A 362 26.61 13.86 2.90
CA THR A 362 27.62 13.27 3.78
C THR A 362 28.64 14.27 4.29
N SER A 363 28.58 15.54 3.87
CA SER A 363 29.58 16.54 4.22
C SER A 363 28.90 17.73 4.86
N LEU A 364 29.60 18.37 5.81
CA LEU A 364 29.10 19.55 6.49
C LEU A 364 30.07 20.70 6.26
N CYS A 365 29.52 21.88 5.96
CA CYS A 365 30.32 23.06 5.67
C CYS A 365 29.90 24.20 6.59
N CYS A 366 30.68 25.27 6.58
CA CYS A 366 30.34 26.45 7.35
C CYS A 366 29.10 27.12 6.78
N LYS A 367 28.16 27.48 7.66
CA LYS A 367 26.92 28.10 7.21
C LYS A 367 27.17 29.44 6.53
N GLN A 368 28.06 30.25 7.10
CA GLN A 368 28.34 31.56 6.51
C GLN A 368 29.12 31.40 5.21
N CYS A 369 30.27 30.72 5.27
CA CYS A 369 31.07 30.52 4.06
C CYS A 369 30.28 29.71 3.02
N GLN A 370 29.60 28.66 3.47
CA GLN A 370 28.81 27.75 2.64
C GLN A 370 29.66 26.90 1.71
N GLU A 371 30.99 27.04 1.76
CA GLU A 371 31.85 26.34 0.81
C GLU A 371 33.09 25.75 1.48
N THR A 372 33.23 25.88 2.80
CA THR A 372 34.39 25.35 3.53
C THR A 372 33.94 24.11 4.28
N GLU A 373 34.47 22.96 3.90
CA GLU A 373 34.10 21.72 4.56
C GLU A 373 34.79 21.62 5.91
N ILE A 374 34.04 21.22 6.93
CA ILE A 374 34.58 21.01 8.26
C ILE A 374 34.69 19.51 8.59
N THR A 375 33.72 18.71 8.15
CA THR A 375 33.75 17.29 8.47
C THR A 375 32.84 16.54 7.51
N THR A 376 32.91 15.22 7.60
CA THR A 376 32.07 14.31 6.84
C THR A 376 31.30 13.42 7.81
N LYS A 377 30.17 12.89 7.35
CA LYS A 377 29.27 12.20 8.26
C LYS A 377 29.95 11.01 8.94
N ASN A 378 30.91 10.38 8.27
CA ASN A 378 31.54 9.19 8.82
C ASN A 378 32.32 9.47 10.10
N GLU A 379 32.71 10.71 10.35
CA GLU A 379 33.40 11.06 11.59
C GLU A 379 32.44 11.33 12.74
N ILE A 380 31.13 11.34 12.49
CA ILE A 380 30.17 11.63 13.54
C ILE A 380 30.28 10.55 14.60
N PHE A 381 30.38 10.99 15.86
CA PHE A 381 30.68 10.07 16.96
C PHE A 381 29.87 10.46 18.18
N SER A 382 28.97 9.58 18.60
CA SER A 382 28.22 9.82 19.82
C SER A 382 29.10 9.57 21.04
N LEU A 383 28.74 10.22 22.15
CA LEU A 383 29.45 10.08 23.41
C LEU A 383 28.46 9.85 24.54
N SER A 384 28.88 9.04 25.51
CA SER A 384 28.07 8.77 26.71
C SER A 384 26.75 8.14 26.26
N LEU A 385 25.62 8.54 26.83
CA LEU A 385 24.34 7.92 26.53
C LEU A 385 23.54 8.69 25.49
N CYS A 386 23.80 9.98 25.33
CA CYS A 386 23.08 10.77 24.35
C CYS A 386 23.53 10.41 22.93
N GLY A 387 22.66 10.70 21.97
CA GLY A 387 22.93 10.40 20.58
C GLY A 387 24.09 11.20 20.03
N PRO A 388 24.27 11.18 18.71
CA PRO A 388 25.38 11.96 18.13
C PRO A 388 25.28 13.44 18.42
N MET A 389 24.06 13.99 18.43
CA MET A 389 23.84 15.40 18.64
C MET A 389 22.89 15.59 19.81
N ALA A 390 23.20 16.54 20.67
CA ALA A 390 22.40 16.76 21.87
C ALA A 390 22.40 18.23 22.22
N ALA A 391 21.34 18.66 22.88
CA ALA A 391 21.16 20.06 23.24
C ALA A 391 21.83 20.35 24.58
N TYR A 392 22.59 21.44 24.63
CA TYR A 392 23.26 21.86 25.86
C TYR A 392 23.07 23.35 26.01
N VAL A 393 23.21 23.84 27.23
CA VAL A 393 23.05 25.25 27.55
C VAL A 393 24.35 25.77 28.13
N ASN A 394 24.84 26.88 27.56
CA ASN A 394 26.04 27.52 28.05
C ASN A 394 25.73 28.26 29.34
N PRO A 395 26.74 28.84 29.98
CA PRO A 395 26.49 29.51 31.27
C PRO A 395 25.48 30.64 31.19
N HIS A 396 25.37 31.31 30.05
CA HIS A 396 24.53 32.49 29.91
C HIS A 396 23.17 32.18 29.30
N GLY A 397 22.80 30.91 29.18
CA GLY A 397 21.47 30.54 28.76
C GLY A 397 21.29 30.31 27.28
N TYR A 398 22.31 30.51 26.46
CA TYR A 398 22.20 30.18 25.05
C TYR A 398 22.15 28.67 24.87
N VAL A 399 21.46 28.24 23.81
CA VAL A 399 21.26 26.83 23.51
C VAL A 399 22.10 26.45 22.31
N HIS A 400 22.89 25.39 22.45
CA HIS A 400 23.71 24.87 21.36
C HIS A 400 23.39 23.40 21.18
N GLU A 401 23.01 23.01 19.97
CA GLU A 401 22.85 21.60 19.64
C GLU A 401 24.20 21.09 19.19
N THR A 402 24.96 20.56 20.13
CA THR A 402 26.33 20.15 19.84
C THR A 402 26.34 18.76 19.20
N LEU A 403 27.15 18.62 18.16
CA LEU A 403 27.40 17.35 17.49
C LEU A 403 28.83 16.93 17.77
N THR A 404 29.02 15.71 18.23
CA THR A 404 30.34 15.23 18.62
C THR A 404 30.98 14.47 17.46
N VAL A 405 32.26 14.75 17.21
CA VAL A 405 32.99 14.16 16.10
C VAL A 405 34.42 13.83 16.53
N TYR A 406 34.98 12.81 15.88
CA TYR A 406 36.36 12.43 16.14
C TYR A 406 37.33 13.50 15.66
N LYS A 407 37.14 13.98 14.44
CA LYS A 407 38.10 14.87 13.80
C LYS A 407 37.37 16.06 13.17
N ALA A 408 38.13 17.13 12.99
CA ALA A 408 37.61 18.33 12.33
C ALA A 408 38.75 19.03 11.62
N CYS A 409 38.40 19.89 10.66
CA CYS A 409 39.40 20.56 9.85
C CYS A 409 38.91 21.96 9.52
N ASN A 410 39.86 22.80 9.10
CA ASN A 410 39.62 24.20 8.74
C ASN A 410 39.23 25.07 9.93
N LEU A 411 39.50 24.61 11.14
CA LEU A 411 39.18 25.35 12.35
C LEU A 411 40.45 25.80 13.04
N ASN A 412 40.47 27.07 13.47
CA ASN A 412 41.51 27.59 14.34
C ASN A 412 40.98 27.63 15.77
N LEU A 413 41.87 27.31 16.71
CA LEU A 413 41.53 27.26 18.12
C LEU A 413 42.02 28.53 18.82
N ILE A 414 41.21 29.00 19.76
CA ILE A 414 41.52 30.17 20.56
C ILE A 414 41.25 29.84 22.02
N GLY A 415 42.00 30.50 22.90
CA GLY A 415 41.93 30.22 24.32
C GLY A 415 42.89 29.12 24.72
N ARG A 416 42.71 28.65 25.94
CA ARG A 416 43.46 27.53 26.47
C ARG A 416 42.48 26.52 27.06
N PRO A 417 42.85 25.25 27.09
CA PRO A 417 41.92 24.24 27.60
C PRO A 417 41.55 24.53 29.05
N SER A 418 40.28 24.90 29.26
CA SER A 418 39.77 25.22 30.58
C SER A 418 38.48 24.45 30.81
N THR A 419 38.36 23.88 32.01
CA THR A 419 37.22 23.03 32.31
C THR A 419 35.96 23.87 32.54
N GLU A 420 35.98 24.73 33.55
CA GLU A 420 34.84 25.57 33.90
C GLU A 420 33.55 24.76 33.82
N HIS A 421 32.58 25.20 33.02
CA HIS A 421 31.30 24.49 32.91
C HIS A 421 31.32 23.54 31.72
N SER A 422 32.30 22.64 31.73
CA SER A 422 32.44 21.67 30.64
C SER A 422 31.20 20.78 30.57
N TRP A 423 30.61 20.68 29.39
CA TRP A 423 29.44 19.83 29.21
C TRP A 423 29.78 18.37 29.45
N PHE A 424 30.93 17.91 28.95
CA PHE A 424 31.33 16.52 29.05
C PHE A 424 32.33 16.38 30.20
N PRO A 425 32.00 15.69 31.29
CA PRO A 425 32.87 15.74 32.47
C PRO A 425 34.29 15.29 32.16
N GLY A 426 35.25 15.96 32.79
CA GLY A 426 36.64 15.59 32.68
C GLY A 426 37.35 16.12 31.45
N TYR A 427 36.66 16.84 30.58
CA TYR A 427 37.25 17.36 29.35
C TYR A 427 37.37 18.87 29.42
N ALA A 428 38.54 19.39 29.09
CA ALA A 428 38.74 20.82 28.90
C ALA A 428 38.45 21.19 27.46
N TRP A 429 38.17 22.47 27.23
CA TRP A 429 37.71 22.93 25.92
C TRP A 429 38.44 24.20 25.52
N THR A 430 38.54 24.40 24.20
CA THR A 430 39.06 25.61 23.60
C THR A 430 38.16 26.00 22.45
N VAL A 431 37.92 27.30 22.28
CA VAL A 431 36.93 27.71 21.29
C VAL A 431 37.48 27.51 19.90
N ALA A 432 36.62 27.18 18.96
CA ALA A 432 37.05 26.89 17.58
C ALA A 432 36.21 27.70 16.61
N GLN A 433 36.87 28.25 15.60
CA GLN A 433 36.17 29.02 14.56
C GLN A 433 36.86 28.78 13.23
N CYS A 434 36.07 28.76 12.15
CA CYS A 434 36.63 28.45 10.85
C CYS A 434 37.60 29.53 10.41
N LYS A 435 38.65 29.12 9.70
CA LYS A 435 39.75 30.00 9.35
C LYS A 435 39.48 30.85 8.12
N ILE A 436 38.23 30.95 7.66
CA ILE A 436 37.88 31.76 6.51
C ILE A 436 37.01 32.95 6.90
N CYS A 437 35.97 32.74 7.69
CA CYS A 437 35.12 33.83 8.15
C CYS A 437 35.16 34.04 9.66
N ALA A 438 35.90 33.21 10.39
CA ALA A 438 36.13 33.38 11.82
C ALA A 438 34.86 33.23 12.65
N SER A 439 33.76 32.79 12.04
CA SER A 439 32.55 32.55 12.80
C SER A 439 32.74 31.35 13.73
N HIS A 440 32.21 31.47 14.93
CA HIS A 440 32.34 30.39 15.90
C HIS A 440 31.67 29.13 15.38
N ILE A 441 32.42 28.03 15.36
CA ILE A 441 31.90 26.76 14.85
C ILE A 441 31.79 25.70 15.95
N GLY A 442 32.71 25.68 16.92
CA GLY A 442 32.61 24.69 17.97
C GLY A 442 33.81 24.75 18.88
N TRP A 443 34.05 23.64 19.58
CA TRP A 443 35.08 23.53 20.59
C TRP A 443 35.82 22.21 20.40
N LYS A 444 37.06 22.16 20.87
CA LYS A 444 37.83 20.92 20.91
C LYS A 444 37.97 20.47 22.35
N PHE A 445 37.50 19.27 22.64
CA PHE A 445 37.49 18.73 23.98
C PHE A 445 38.65 17.77 24.16
N THR A 446 39.39 17.95 25.26
CA THR A 446 40.52 17.11 25.61
C THR A 446 40.48 16.87 27.12
N ALA A 447 41.14 15.79 27.55
CA ALA A 447 41.14 15.39 28.94
C ALA A 447 42.48 14.74 29.27
N THR A 448 42.75 14.62 30.57
CA THR A 448 43.95 13.97 31.06
C THR A 448 43.62 12.59 31.59
N LYS A 449 44.31 11.57 31.07
CA LYS A 449 44.04 10.19 31.44
C LYS A 449 45.25 9.31 31.19
N SER A 453 40.29 9.17 26.21
CA SER A 453 39.53 8.01 25.75
C SER A 453 38.13 8.41 25.28
N PRO A 454 38.04 9.04 24.10
CA PRO A 454 39.16 9.43 23.23
C PRO A 454 39.92 10.63 23.76
N GLN A 455 41.21 10.71 23.46
CA GLN A 455 42.03 11.80 23.98
C GLN A 455 41.56 13.15 23.48
N LYS A 456 41.23 13.25 22.20
CA LYS A 456 40.83 14.51 21.58
C LYS A 456 39.57 14.28 20.76
N PHE A 457 38.58 15.15 20.90
CA PHE A 457 37.46 15.14 19.97
C PHE A 457 36.94 16.56 19.82
N TRP A 458 35.86 16.73 19.06
CA TRP A 458 35.33 18.04 18.78
C TRP A 458 33.82 18.05 18.98
N GLY A 459 33.30 19.20 19.38
CA GLY A 459 31.88 19.44 19.45
C GLY A 459 31.50 20.66 18.62
N LEU A 460 30.67 20.47 17.60
CA LEU A 460 30.31 21.52 16.66
C LEU A 460 28.85 21.89 16.86
N THR A 461 28.58 23.19 17.04
CA THR A 461 27.20 23.64 17.15
C THR A 461 26.47 23.41 15.84
N ARG A 462 25.20 22.97 15.95
CA ARG A 462 24.46 22.60 14.75
C ARG A 462 24.07 23.81 13.93
N SER A 463 23.84 24.96 14.56
CA SER A 463 23.40 26.13 13.81
C SER A 463 24.44 26.55 12.79
N ALA A 464 25.72 26.50 13.16
CA ALA A 464 26.79 26.96 12.29
C ALA A 464 27.10 26.00 11.16
N LEU A 465 26.53 24.79 11.15
CA LEU A 465 26.83 23.79 10.15
C LEU A 465 25.72 23.72 9.10
N LEU A 466 26.12 23.56 7.84
CA LEU A 466 25.19 23.43 6.73
C LEU A 466 25.55 22.15 5.97
N PRO A 467 24.67 21.16 5.92
CA PRO A 467 24.96 19.98 5.12
C PRO A 467 25.00 20.29 3.64
N THR A 468 25.81 19.51 2.91
CA THR A 468 25.98 19.73 1.48
C THR A 468 26.19 18.40 0.78
N ILE A 469 25.70 18.32 -0.44
CA ILE A 469 25.89 17.11 -1.27
C ILE A 469 27.34 17.08 -1.75
N PRO A 470 28.06 15.97 -1.54
CA PRO A 470 29.44 15.88 -2.04
C PRO A 470 29.57 16.22 -3.53
N SER B 26 -15.73 18.90 -13.37
CA SER B 26 -15.44 17.90 -14.38
C SER B 26 -16.59 16.91 -14.51
N TYR B 27 -16.88 16.49 -15.74
CA TYR B 27 -17.95 15.56 -16.03
C TYR B 27 -17.37 14.31 -16.68
N ASN B 28 -17.79 13.14 -16.21
CA ASN B 28 -17.27 11.89 -16.74
C ASN B 28 -18.32 10.80 -16.64
N TYR B 29 -18.13 9.76 -17.43
CA TYR B 29 -19.08 8.66 -17.57
C TYR B 29 -18.32 7.34 -17.52
N VAL B 30 -18.74 6.44 -16.64
CA VAL B 30 -18.03 5.19 -16.37
C VAL B 30 -18.95 4.01 -16.68
N VAL B 31 -18.51 3.13 -17.58
CA VAL B 31 -19.30 1.96 -17.97
C VAL B 31 -18.40 0.73 -17.90
N THR B 32 -18.95 -0.38 -17.40
CA THR B 32 -18.20 -1.63 -17.30
C THR B 32 -18.44 -2.45 -18.57
N ALA B 33 -17.42 -2.54 -19.42
CA ALA B 33 -17.56 -3.25 -20.68
C ALA B 33 -17.34 -4.75 -20.53
N GLN B 34 -16.87 -5.21 -19.37
CA GLN B 34 -16.63 -6.63 -19.15
C GLN B 34 -16.75 -6.92 -17.66
N LYS B 35 -17.76 -7.69 -17.28
CA LYS B 35 -18.05 -7.87 -15.87
C LYS B 35 -16.87 -8.56 -15.18
N PRO B 36 -16.67 -8.32 -13.89
CA PRO B 36 -15.55 -8.96 -13.19
C PRO B 36 -15.63 -10.48 -13.31
N THR B 37 -14.48 -11.11 -13.47
CA THR B 37 -14.41 -12.55 -13.67
C THR B 37 -13.58 -13.29 -12.65
N ALA B 38 -12.84 -12.61 -11.79
CA ALA B 38 -12.15 -13.29 -10.71
C ALA B 38 -13.16 -13.86 -9.72
N VAL B 39 -12.80 -14.97 -9.09
CA VAL B 39 -13.69 -15.68 -8.18
C VAL B 39 -13.23 -15.39 -6.75
N ASN B 40 -14.06 -14.66 -6.00
CA ASN B 40 -13.73 -14.35 -4.62
C ASN B 40 -13.93 -15.55 -3.72
N GLY B 41 -15.01 -16.29 -3.90
CA GLY B 41 -15.28 -17.47 -3.10
C GLY B 41 -16.55 -18.15 -3.54
N CYS B 42 -16.62 -19.44 -3.29
CA CYS B 42 -17.74 -20.26 -3.72
C CYS B 42 -18.30 -21.04 -2.55
N VAL B 43 -19.62 -21.24 -2.58
CA VAL B 43 -20.34 -21.99 -1.55
C VAL B 43 -21.28 -22.96 -2.22
N THR B 44 -21.62 -24.03 -1.51
CA THR B 44 -22.52 -25.06 -2.02
C THR B 44 -23.65 -25.28 -1.03
N GLY B 45 -24.86 -25.45 -1.54
CA GLY B 45 -25.99 -25.72 -0.68
C GLY B 45 -27.29 -25.66 -1.43
N HIS B 46 -28.36 -25.95 -0.70
CA HIS B 46 -29.71 -25.97 -1.28
C HIS B 46 -30.32 -24.59 -1.13
N PHE B 47 -29.91 -23.69 -2.03
CA PHE B 47 -30.36 -22.30 -1.97
C PHE B 47 -31.62 -22.10 -2.81
N THR B 48 -31.56 -22.44 -4.10
CA THR B 48 -32.71 -22.21 -4.97
C THR B 48 -33.90 -23.06 -4.57
N SER B 49 -33.67 -24.32 -4.21
CA SER B 49 -34.76 -25.20 -3.82
C SER B 49 -34.22 -26.28 -2.90
N ALA B 50 -35.08 -26.74 -1.99
CA ALA B 50 -34.67 -27.77 -1.05
C ALA B 50 -34.42 -29.12 -1.72
N GLU B 51 -34.82 -29.27 -2.98
CA GLU B 51 -34.73 -30.56 -3.67
C GLU B 51 -33.56 -30.64 -4.66
N ASP B 52 -32.85 -29.54 -4.90
CA ASP B 52 -31.76 -29.54 -5.86
C ASP B 52 -30.56 -28.82 -5.27
N LEU B 53 -29.39 -29.13 -5.83
CA LEU B 53 -28.13 -28.59 -5.34
C LEU B 53 -27.80 -27.29 -6.07
N ASN B 54 -27.24 -26.33 -5.34
CA ASN B 54 -26.85 -25.05 -5.91
C ASN B 54 -25.40 -24.73 -5.57
N LEU B 55 -24.73 -24.10 -6.52
CA LEU B 55 -23.37 -23.60 -6.35
C LEU B 55 -23.40 -22.09 -6.54
N LEU B 56 -22.94 -21.35 -5.54
CA LEU B 56 -22.93 -19.90 -5.56
C LEU B 56 -21.49 -19.42 -5.68
N ILE B 57 -21.18 -18.75 -6.77
CA ILE B 57 -19.88 -18.11 -6.98
C ILE B 57 -20.05 -16.64 -6.66
N ALA B 58 -19.03 -16.03 -6.06
CA ALA B 58 -19.07 -14.60 -5.73
C ALA B 58 -17.89 -13.93 -6.41
N LYS B 59 -18.07 -13.53 -7.65
CA LYS B 59 -17.11 -12.65 -8.28
C LYS B 59 -17.28 -11.25 -7.72
N ASN B 60 -16.29 -10.40 -7.93
CA ASN B 60 -16.33 -9.07 -7.33
C ASN B 60 -17.62 -8.35 -7.69
N THR B 61 -18.49 -8.13 -6.71
CA THR B 61 -19.76 -7.41 -6.85
C THR B 61 -20.83 -8.22 -7.57
N ARG B 62 -20.50 -9.37 -8.14
CA ARG B 62 -21.44 -10.19 -8.89
C ARG B 62 -21.61 -11.51 -8.17
N LEU B 63 -22.85 -11.94 -8.00
CA LEU B 63 -23.16 -13.22 -7.37
C LEU B 63 -23.85 -14.09 -8.39
N GLU B 64 -23.27 -15.25 -8.69
CA GLU B 64 -23.77 -16.16 -9.71
C GLU B 64 -24.26 -17.42 -9.05
N ILE B 65 -25.55 -17.73 -9.23
CA ILE B 65 -26.17 -18.93 -8.67
C ILE B 65 -26.38 -19.89 -9.82
N TYR B 66 -25.73 -21.05 -9.73
CA TYR B 66 -25.87 -22.12 -10.70
C TYR B 66 -26.56 -23.32 -10.04
N VAL B 67 -27.31 -24.06 -10.84
CA VAL B 67 -27.92 -25.32 -10.40
C VAL B 67 -27.03 -26.45 -10.89
N VAL B 68 -26.56 -27.28 -9.97
CA VAL B 68 -25.70 -28.39 -10.30
C VAL B 68 -26.53 -29.52 -10.87
N THR B 69 -26.07 -30.10 -11.98
CA THR B 69 -26.75 -31.19 -12.64
C THR B 69 -25.72 -32.23 -13.06
N ALA B 70 -26.20 -33.31 -13.67
CA ALA B 70 -25.29 -34.36 -14.12
C ALA B 70 -24.30 -33.82 -15.15
N GLU B 71 -24.79 -33.05 -16.13
CA GLU B 71 -23.90 -32.53 -17.17
C GLU B 71 -22.93 -31.52 -16.60
N GLY B 72 -23.38 -30.68 -15.67
CA GLY B 72 -22.55 -29.64 -15.11
C GLY B 72 -23.35 -28.44 -14.67
N LEU B 73 -22.68 -27.36 -14.28
CA LEU B 73 -23.37 -26.17 -13.84
C LEU B 73 -24.30 -25.64 -14.92
N ARG B 74 -25.51 -25.27 -14.53
CA ARG B 74 -26.49 -24.65 -15.41
C ARG B 74 -26.90 -23.33 -14.78
N PRO B 75 -26.47 -22.18 -15.31
CA PRO B 75 -26.77 -20.91 -14.63
C PRO B 75 -28.25 -20.70 -14.45
N VAL B 76 -28.64 -20.23 -13.26
CA VAL B 76 -30.01 -19.91 -12.96
C VAL B 76 -30.20 -18.42 -12.63
N LYS B 77 -29.24 -17.81 -11.93
CA LYS B 77 -29.36 -16.39 -11.64
C LYS B 77 -27.99 -15.76 -11.57
N GLU B 78 -27.95 -14.45 -11.79
CA GLU B 78 -26.68 -13.72 -11.76
C GLU B 78 -27.02 -12.27 -11.41
N VAL B 79 -26.88 -11.93 -10.12
CA VAL B 79 -27.25 -10.61 -9.64
C VAL B 79 -25.99 -9.81 -9.37
N GLY B 80 -26.18 -8.50 -9.21
CA GLY B 80 -25.08 -7.61 -8.92
C GLY B 80 -25.32 -6.80 -7.67
N MET B 81 -24.52 -7.01 -6.65
CA MET B 81 -24.66 -6.28 -5.40
C MET B 81 -23.87 -4.99 -5.45
N TYR B 82 -24.33 -4.00 -4.68
CA TYR B 82 -23.60 -2.75 -4.50
C TYR B 82 -22.56 -2.91 -3.40
N GLY B 83 -21.58 -3.78 -3.67
CA GLY B 83 -20.51 -4.03 -2.73
C GLY B 83 -19.62 -5.16 -3.14
N LYS B 84 -18.42 -5.25 -2.55
CA LYS B 84 -17.56 -6.40 -2.74
C LYS B 84 -18.01 -7.50 -1.79
N ILE B 85 -18.26 -8.69 -2.34
CA ILE B 85 -18.94 -9.73 -1.57
C ILE B 85 -18.18 -10.06 -0.29
N ALA B 86 -16.87 -10.11 -0.35
CA ALA B 86 -16.08 -10.39 0.85
C ALA B 86 -16.54 -11.70 1.48
N VAL B 87 -17.41 -11.63 2.49
CA VAL B 87 -17.84 -12.82 3.21
C VAL B 87 -19.19 -13.29 2.66
N MET B 88 -19.28 -14.59 2.36
CA MET B 88 -20.51 -15.22 1.91
C MET B 88 -20.64 -16.56 2.61
N GLU B 89 -21.84 -16.89 3.08
CA GLU B 89 -22.06 -18.16 3.75
C GLU B 89 -23.51 -18.57 3.57
N LEU B 90 -23.78 -19.85 3.82
CA LEU B 90 -25.13 -20.39 3.78
C LEU B 90 -25.49 -20.99 5.13
N PHE B 91 -26.76 -20.91 5.49
CA PHE B 91 -27.19 -21.49 6.76
C PHE B 91 -28.70 -21.71 6.71
N ARG B 92 -29.15 -22.83 7.28
CA ARG B 92 -30.56 -23.18 7.31
C ARG B 92 -31.06 -23.17 8.75
N PRO B 93 -31.49 -22.02 9.27
CA PRO B 93 -32.03 -22.01 10.63
C PRO B 93 -33.29 -22.85 10.71
N LYS B 94 -33.49 -23.47 11.87
CA LYS B 94 -34.63 -24.36 12.04
C LYS B 94 -35.92 -23.62 11.73
N GLY B 95 -36.81 -24.28 10.99
CA GLY B 95 -38.06 -23.69 10.58
C GLY B 95 -38.10 -23.19 9.15
N GLU B 96 -37.02 -23.37 8.40
CA GLU B 96 -36.96 -22.96 7.00
C GLU B 96 -36.79 -24.18 6.12
N SER B 97 -37.32 -24.09 4.89
CA SER B 97 -37.18 -25.19 3.94
C SER B 97 -35.83 -25.14 3.23
N LYS B 98 -35.49 -23.98 2.67
CA LYS B 98 -34.26 -23.80 1.93
C LYS B 98 -33.24 -23.10 2.81
N ASP B 99 -32.04 -22.88 2.28
CA ASP B 99 -30.94 -22.27 3.01
C ASP B 99 -30.90 -20.79 2.73
N LEU B 100 -30.82 -19.99 3.79
CA LEU B 100 -30.63 -18.55 3.66
C LEU B 100 -29.16 -18.25 3.40
N LEU B 101 -28.91 -17.14 2.73
CA LEU B 101 -27.56 -16.74 2.32
C LEU B 101 -27.17 -15.47 3.06
N PHE B 102 -26.05 -15.50 3.77
CA PHE B 102 -25.55 -14.36 4.51
C PHE B 102 -24.38 -13.76 3.75
N ILE B 103 -24.45 -12.46 3.47
CA ILE B 103 -23.39 -11.77 2.74
C ILE B 103 -22.99 -10.53 3.51
N LEU B 104 -21.71 -10.43 3.84
CA LEU B 104 -21.12 -9.22 4.41
C LEU B 104 -20.14 -8.65 3.41
N THR B 105 -20.37 -7.41 2.99
CA THR B 105 -19.56 -6.78 1.96
C THR B 105 -18.34 -6.11 2.56
N ALA B 106 -17.37 -5.80 1.70
CA ALA B 106 -16.12 -5.21 2.17
C ALA B 106 -16.34 -3.84 2.80
N LYS B 107 -17.48 -3.22 2.53
CA LYS B 107 -17.86 -1.95 3.16
C LYS B 107 -18.64 -2.16 4.44
N TYR B 108 -18.81 -3.40 4.89
CA TYR B 108 -19.55 -3.73 6.10
C TYR B 108 -21.04 -3.42 5.93
N ASN B 109 -21.63 -3.97 4.88
CA ASN B 109 -23.09 -4.02 4.69
C ASN B 109 -23.51 -5.48 4.79
N ALA B 110 -23.94 -5.91 5.97
CA ALA B 110 -24.40 -7.27 6.15
C ALA B 110 -25.84 -7.40 5.68
N CYS B 111 -26.17 -8.57 5.13
CA CYS B 111 -27.51 -8.81 4.63
C CYS B 111 -27.78 -10.29 4.58
N ILE B 112 -28.95 -10.70 5.07
CA ILE B 112 -29.43 -12.07 4.96
C ILE B 112 -30.50 -12.11 3.88
N LEU B 113 -30.26 -12.90 2.84
CA LEU B 113 -31.10 -12.98 1.66
C LEU B 113 -31.72 -14.36 1.53
N GLU B 114 -32.85 -14.40 0.83
CA GLU B 114 -33.59 -15.63 0.53
C GLU B 114 -33.92 -15.63 -0.96
N TYR B 115 -33.97 -16.82 -1.55
CA TYR B 115 -34.27 -16.98 -2.95
C TYR B 115 -35.74 -17.36 -3.11
N LYS B 116 -36.47 -16.59 -3.94
CA LYS B 116 -37.92 -16.76 -4.07
C LYS B 116 -38.25 -16.83 -5.55
N GLN B 117 -38.68 -18.01 -6.00
CA GLN B 117 -39.01 -18.24 -7.40
C GLN B 117 -40.52 -18.30 -7.52
N SER B 118 -41.14 -17.20 -7.96
CA SER B 118 -42.58 -17.12 -8.16
C SER B 118 -42.88 -17.46 -9.62
N GLY B 119 -43.43 -18.64 -9.85
CA GLY B 119 -43.73 -19.04 -11.21
C GLY B 119 -42.46 -19.06 -12.04
N GLU B 120 -42.47 -18.29 -13.13
CA GLU B 120 -41.31 -18.18 -14.01
C GLU B 120 -40.46 -16.94 -13.71
N SER B 121 -40.80 -16.17 -12.68
CA SER B 121 -40.07 -14.96 -12.33
C SER B 121 -39.19 -15.22 -11.12
N ILE B 122 -37.93 -14.79 -11.20
CA ILE B 122 -36.93 -15.04 -10.17
C ILE B 122 -36.53 -13.71 -9.55
N ASP B 123 -36.45 -13.66 -8.23
CA ASP B 123 -36.05 -12.44 -7.54
C ASP B 123 -35.55 -12.79 -6.15
N ILE B 124 -34.43 -12.18 -5.77
CA ILE B 124 -33.80 -12.43 -4.48
C ILE B 124 -34.43 -11.52 -3.44
N ILE B 125 -35.13 -12.11 -2.48
CA ILE B 125 -35.72 -11.34 -1.39
C ILE B 125 -34.66 -11.05 -0.34
N THR B 126 -34.86 -9.99 0.42
CA THR B 126 -33.94 -9.57 1.47
C THR B 126 -34.60 -9.79 2.82
N ARG B 127 -34.24 -10.88 3.49
CA ARG B 127 -34.82 -11.14 4.80
C ARG B 127 -34.41 -10.07 5.82
N ALA B 128 -33.16 -9.65 5.79
CA ALA B 128 -32.73 -8.60 6.70
C ALA B 128 -31.49 -7.94 6.17
N HIS B 129 -31.22 -6.72 6.65
CA HIS B 129 -30.04 -5.99 6.24
C HIS B 129 -29.60 -5.06 7.36
N GLY B 130 -28.35 -4.66 7.30
CA GLY B 130 -27.80 -3.75 8.31
C GLY B 130 -26.37 -3.41 7.96
N ASN B 131 -25.81 -2.50 8.75
CA ASN B 131 -24.44 -2.03 8.56
C ASN B 131 -23.68 -2.29 9.86
N VAL B 132 -23.00 -3.42 9.94
CA VAL B 132 -22.28 -3.81 11.16
C VAL B 132 -20.86 -3.25 11.02
N GLN B 133 -20.68 -2.01 11.46
CA GLN B 133 -19.39 -1.34 11.44
C GLN B 133 -19.14 -0.69 12.79
N ASP B 134 -17.95 -0.89 13.34
CA ASP B 134 -17.54 -0.21 14.56
C ASP B 134 -16.87 1.11 14.21
N ARG B 135 -17.32 2.18 14.83
CA ARG B 135 -16.79 3.50 14.50
C ARG B 135 -15.29 3.56 14.74
N ILE B 136 -14.86 3.36 15.99
CA ILE B 136 -13.45 3.47 16.35
C ILE B 136 -12.84 2.08 16.30
N GLY B 137 -11.84 1.90 15.45
CA GLY B 137 -11.12 0.65 15.36
C GLY B 137 -10.30 0.62 14.11
N ARG B 138 -9.37 -0.33 14.06
CA ARG B 138 -8.51 -0.53 12.91
C ARG B 138 -8.81 -1.88 12.29
N PRO B 139 -9.03 -1.98 10.99
CA PRO B 139 -9.38 -3.27 10.41
C PRO B 139 -8.26 -4.27 10.65
N SER B 140 -8.65 -5.51 10.91
CA SER B 140 -7.68 -6.53 11.27
C SER B 140 -6.73 -6.78 10.11
N GLU B 141 -5.43 -6.83 10.42
CA GLU B 141 -4.44 -7.05 9.38
C GLU B 141 -4.58 -8.45 8.77
N THR B 142 -5.21 -9.38 9.49
CA THR B 142 -5.46 -10.71 8.95
C THR B 142 -6.66 -10.75 8.01
N GLY B 143 -7.52 -9.74 8.04
CA GLY B 143 -8.64 -9.66 7.13
C GLY B 143 -9.95 -10.05 7.80
N ILE B 144 -11.05 -9.64 7.15
CA ILE B 144 -12.37 -9.94 7.67
C ILE B 144 -12.55 -11.45 7.74
N ILE B 145 -13.16 -11.93 8.83
CA ILE B 145 -13.50 -13.34 8.97
C ILE B 145 -14.97 -13.44 9.34
N GLY B 146 -15.68 -14.36 8.69
CA GLY B 146 -17.06 -14.60 9.02
C GLY B 146 -17.34 -16.07 9.19
N ILE B 147 -18.16 -16.42 10.19
CA ILE B 147 -18.44 -17.81 10.50
C ILE B 147 -19.84 -17.89 11.08
N ILE B 148 -20.45 -19.07 10.92
CA ILE B 148 -21.83 -19.30 11.35
C ILE B 148 -21.87 -20.54 12.22
N ASP B 149 -22.59 -20.45 13.32
CA ASP B 149 -22.75 -21.61 14.19
C ASP B 149 -23.45 -22.73 13.42
N PRO B 150 -22.93 -23.96 13.46
CA PRO B 150 -23.60 -25.05 12.73
C PRO B 150 -25.05 -25.23 13.10
N GLU B 151 -25.43 -24.99 14.35
CA GLU B 151 -26.85 -24.99 14.72
C GLU B 151 -27.54 -23.70 14.32
N CYS B 152 -26.82 -22.71 13.81
CA CYS B 152 -27.39 -21.46 13.33
C CYS B 152 -28.01 -20.66 14.47
N ARG B 153 -27.27 -20.54 15.58
CA ARG B 153 -27.72 -19.72 16.70
C ARG B 153 -27.16 -18.32 16.66
N MET B 154 -25.99 -18.12 16.05
CA MET B 154 -25.40 -16.79 15.96
C MET B 154 -24.45 -16.74 14.78
N ILE B 155 -24.10 -15.53 14.38
CA ILE B 155 -23.11 -15.28 13.35
C ILE B 155 -21.94 -14.55 13.99
N GLY B 156 -20.74 -15.11 13.86
CA GLY B 156 -19.54 -14.53 14.45
C GLY B 156 -18.71 -13.86 13.37
N LEU B 157 -18.35 -12.61 13.61
CA LEU B 157 -17.58 -11.82 12.66
C LEU B 157 -16.35 -11.25 13.36
N ARG B 158 -15.20 -11.42 12.75
CA ARG B 158 -13.97 -10.79 13.21
C ARG B 158 -13.60 -9.71 12.21
N LEU B 159 -13.79 -8.45 12.61
CA LEU B 159 -13.49 -7.30 11.78
C LEU B 159 -12.32 -6.47 12.31
N TYR B 160 -12.21 -6.34 13.63
CA TYR B 160 -11.22 -5.48 14.26
C TYR B 160 -10.49 -6.26 15.35
N ASP B 161 -9.20 -5.96 15.51
CA ASP B 161 -8.39 -6.68 16.48
C ASP B 161 -8.96 -6.52 17.88
N GLY B 162 -9.02 -7.63 18.61
CA GLY B 162 -9.47 -7.63 19.98
C GLY B 162 -10.97 -7.61 20.16
N LEU B 163 -11.74 -7.54 19.08
CA LEU B 163 -13.19 -7.48 19.15
C LEU B 163 -13.78 -8.58 18.28
N PHE B 164 -14.70 -9.35 18.84
CA PHE B 164 -15.43 -10.40 18.13
C PHE B 164 -16.89 -9.99 18.12
N LYS B 165 -17.41 -9.63 16.95
CA LYS B 165 -18.79 -9.19 16.84
C LYS B 165 -19.70 -10.40 16.70
N VAL B 166 -20.84 -10.35 17.37
CA VAL B 166 -21.80 -11.44 17.38
C VAL B 166 -23.14 -10.89 16.93
N ILE B 167 -23.81 -11.62 16.04
CA ILE B 167 -25.14 -11.27 15.58
C ILE B 167 -26.08 -12.43 15.92
N PRO B 168 -26.95 -12.30 16.92
CA PRO B 168 -27.94 -13.35 17.16
C PRO B 168 -28.83 -13.52 15.95
N LEU B 169 -29.25 -14.76 15.71
CA LEU B 169 -30.03 -15.11 14.53
C LEU B 169 -31.47 -15.45 14.87
N ASP B 170 -32.06 -14.70 15.81
CA ASP B 170 -33.48 -14.82 16.06
C ASP B 170 -34.26 -14.16 14.93
N ARG B 171 -35.58 -14.32 14.97
CA ARG B 171 -36.44 -13.75 13.94
C ARG B 171 -36.79 -12.29 14.21
N ASP B 172 -36.32 -11.72 15.32
CA ASP B 172 -36.58 -10.32 15.63
C ASP B 172 -35.52 -9.39 15.10
N ASN B 173 -34.31 -9.89 14.83
CA ASN B 173 -33.24 -9.06 14.28
C ASN B 173 -33.49 -8.86 12.78
N LYS B 174 -34.33 -7.87 12.49
CA LYS B 174 -34.54 -7.46 11.11
C LYS B 174 -33.53 -6.42 10.63
N GLU B 175 -32.70 -5.89 11.53
CA GLU B 175 -31.66 -4.94 11.17
C GLU B 175 -30.26 -5.49 11.44
N LEU B 176 -30.13 -6.77 11.80
CA LEU B 176 -28.85 -7.37 12.10
C LEU B 176 -28.13 -6.62 13.22
N LYS B 177 -28.81 -6.50 14.35
CA LYS B 177 -28.19 -5.86 15.52
C LYS B 177 -27.13 -6.78 16.10
N ALA B 178 -25.97 -6.21 16.42
CA ALA B 178 -24.82 -6.98 16.82
C ALA B 178 -24.24 -6.40 18.11
N PHE B 179 -23.52 -7.24 18.84
CA PHE B 179 -22.84 -6.82 20.05
C PHE B 179 -21.42 -7.38 20.04
N ASN B 180 -20.50 -6.62 20.64
CA ASN B 180 -19.09 -6.96 20.59
C ASN B 180 -18.66 -7.65 21.88
N ILE B 181 -17.80 -8.66 21.73
CA ILE B 181 -17.17 -9.34 22.85
C ILE B 181 -15.68 -9.03 22.76
N ARG B 182 -15.10 -8.56 23.86
CA ARG B 182 -13.72 -8.10 23.85
C ARG B 182 -12.79 -9.29 24.02
N LEU B 183 -12.12 -9.69 22.95
CA LEU B 183 -11.11 -10.72 23.03
C LEU B 183 -9.84 -10.16 23.65
N GLU B 184 -9.08 -11.02 24.32
CA GLU B 184 -7.80 -10.64 24.90
C GLU B 184 -6.63 -10.91 23.98
N GLU B 185 -6.76 -11.90 23.09
CA GLU B 185 -5.69 -12.26 22.15
C GLU B 185 -5.86 -11.42 20.90
N LEU B 186 -5.08 -10.35 20.79
CA LEU B 186 -5.24 -9.40 19.70
C LEU B 186 -5.05 -10.07 18.35
N HIS B 187 -3.93 -10.77 18.16
CA HIS B 187 -3.62 -11.40 16.88
C HIS B 187 -4.30 -12.76 16.80
N VAL B 188 -5.39 -12.85 16.05
CA VAL B 188 -6.09 -14.10 15.82
C VAL B 188 -5.86 -14.49 14.36
N ILE B 189 -5.22 -15.63 14.15
CA ILE B 189 -4.93 -16.07 12.79
C ILE B 189 -6.20 -16.53 12.09
N ASP B 190 -6.82 -17.59 12.62
CA ASP B 190 -8.01 -18.15 12.03
C ASP B 190 -8.92 -18.66 13.14
N VAL B 191 -10.22 -18.70 12.85
CA VAL B 191 -11.23 -19.00 13.86
C VAL B 191 -12.35 -19.79 13.21
N LYS B 192 -12.97 -20.67 13.98
CA LYS B 192 -14.07 -21.49 13.49
C LYS B 192 -15.00 -21.81 14.65
N PHE B 193 -16.22 -22.24 14.31
CA PHE B 193 -17.14 -22.81 15.26
C PHE B 193 -17.00 -24.32 15.24
N LEU B 194 -17.28 -24.96 16.37
CA LEU B 194 -17.03 -26.39 16.55
C LEU B 194 -18.35 -27.15 16.46
N TYR B 195 -18.33 -28.28 15.75
CA TYR B 195 -19.49 -29.14 15.63
C TYR B 195 -19.58 -30.05 16.83
N GLY B 196 -20.66 -29.96 17.58
CA GLY B 196 -20.94 -30.87 18.67
C GLY B 196 -20.58 -30.26 20.00
N CYS B 197 -21.58 -29.70 20.67
CA CYS B 197 -21.43 -29.03 21.97
C CYS B 197 -22.83 -28.69 22.44
N GLN B 198 -22.94 -28.30 23.70
CA GLN B 198 -24.21 -27.85 24.24
C GLN B 198 -24.39 -26.34 24.14
N ALA B 199 -23.34 -25.60 23.81
CA ALA B 199 -23.41 -24.17 23.60
C ALA B 199 -22.45 -23.80 22.48
N PRO B 200 -22.74 -22.73 21.73
CA PRO B 200 -21.86 -22.37 20.61
C PRO B 200 -20.43 -22.18 21.06
N THR B 201 -19.51 -22.97 20.51
CA THR B 201 -18.11 -22.95 20.90
C THR B 201 -17.27 -22.44 19.75
N ILE B 202 -16.24 -21.66 20.07
CA ILE B 202 -15.37 -21.04 19.10
C ILE B 202 -13.94 -21.48 19.38
N CYS B 203 -13.26 -22.00 18.34
CA CYS B 203 -11.88 -22.44 18.44
C CYS B 203 -11.05 -21.63 17.46
N PHE B 204 -9.94 -21.06 17.94
CA PHE B 204 -9.14 -20.19 17.10
C PHE B 204 -7.65 -20.31 17.43
N VAL B 205 -6.82 -20.03 16.42
CA VAL B 205 -5.38 -20.04 16.56
C VAL B 205 -4.89 -18.61 16.65
N TYR B 206 -4.21 -18.27 17.73
CA TYR B 206 -3.75 -16.91 17.97
C TYR B 206 -2.26 -16.91 18.26
N GLN B 207 -1.59 -15.84 17.86
CA GLN B 207 -0.15 -15.70 18.02
C GLN B 207 0.16 -14.71 19.14
N ASP B 208 1.05 -15.11 20.05
CA ASP B 208 1.59 -14.23 21.06
C ASP B 208 3.10 -14.40 21.06
N PRO B 209 3.86 -13.63 21.82
CA PRO B 209 5.32 -13.76 21.76
C PRO B 209 5.83 -15.17 22.02
N GLN B 210 5.13 -15.95 22.84
CA GLN B 210 5.57 -17.33 23.09
C GLN B 210 5.47 -18.20 21.84
N GLY B 211 4.50 -17.95 20.99
CA GLY B 211 4.29 -18.73 19.78
C GLY B 211 2.83 -18.71 19.40
N ARG B 212 2.41 -19.72 18.65
CA ARG B 212 1.03 -19.85 18.21
C ARG B 212 0.32 -20.88 19.07
N HIS B 213 -0.86 -20.52 19.57
CA HIS B 213 -1.61 -21.38 20.47
C HIS B 213 -3.05 -21.47 19.98
N VAL B 214 -3.61 -22.67 20.06
CA VAL B 214 -5.02 -22.88 19.76
C VAL B 214 -5.79 -22.79 21.07
N LYS B 215 -6.85 -21.99 21.08
CA LYS B 215 -7.62 -21.76 22.29
C LYS B 215 -9.10 -21.81 21.94
N THR B 216 -9.90 -22.23 22.92
CA THR B 216 -11.32 -22.41 22.73
C THR B 216 -12.09 -21.64 23.78
N TYR B 217 -13.16 -20.98 23.35
CA TYR B 217 -14.08 -20.27 24.21
C TYR B 217 -15.49 -20.79 23.96
N GLU B 218 -16.37 -20.55 24.92
CA GLU B 218 -17.79 -20.84 24.78
C GLU B 218 -18.54 -19.52 24.78
N VAL B 219 -19.33 -19.27 23.75
CA VAL B 219 -20.04 -18.00 23.61
C VAL B 219 -21.37 -18.10 24.33
N SER B 220 -21.66 -17.11 25.17
CA SER B 220 -22.88 -17.07 25.96
C SER B 220 -23.64 -15.81 25.56
N LEU B 221 -24.80 -16.00 24.94
CA LEU B 221 -25.64 -14.87 24.54
C LEU B 221 -26.31 -14.24 25.76
N ARG B 222 -26.77 -15.07 26.71
CA ARG B 222 -27.48 -14.54 27.86
C ARG B 222 -26.60 -13.57 28.64
N GLU B 223 -25.32 -13.90 28.81
CA GLU B 223 -24.35 -13.01 29.42
C GLU B 223 -23.62 -12.15 28.39
N LYS B 224 -23.68 -12.51 27.11
CA LYS B 224 -23.02 -11.76 26.05
C LYS B 224 -21.51 -11.70 26.28
N GLU B 225 -20.88 -12.88 26.41
CA GLU B 225 -19.44 -12.91 26.64
C GLU B 225 -18.93 -14.34 26.51
N PHE B 226 -17.62 -14.50 26.69
CA PHE B 226 -16.97 -15.79 26.60
C PHE B 226 -16.92 -16.48 27.96
N ASN B 227 -16.83 -17.80 27.92
CA ASN B 227 -16.59 -18.64 29.08
C ASN B 227 -15.53 -19.67 28.74
N LYS B 228 -14.90 -20.23 29.77
CA LYS B 228 -13.82 -21.18 29.57
C LYS B 228 -14.28 -22.31 28.66
N GLY B 229 -13.45 -22.66 27.67
CA GLY B 229 -13.83 -23.63 26.69
C GLY B 229 -13.84 -25.03 27.24
N PRO B 230 -14.25 -25.99 26.40
CA PRO B 230 -14.31 -27.38 26.87
C PRO B 230 -12.95 -27.99 27.10
N TRP B 231 -11.93 -27.60 26.33
CA TRP B 231 -10.58 -28.08 26.56
C TRP B 231 -9.61 -26.91 26.46
N LYS B 232 -8.58 -26.96 27.31
CA LYS B 232 -7.69 -25.83 27.52
C LYS B 232 -6.91 -25.52 26.26
N GLN B 233 -6.16 -24.42 26.31
CA GLN B 233 -5.30 -24.05 25.21
C GLN B 233 -4.19 -25.08 25.05
N GLU B 234 -3.69 -25.19 23.82
CA GLU B 234 -2.60 -26.09 23.50
C GLU B 234 -1.61 -25.33 22.63
N ASN B 235 -0.34 -25.71 22.70
CA ASN B 235 0.66 -25.20 21.76
C ASN B 235 0.61 -26.00 20.47
N VAL B 236 0.88 -25.32 19.36
CA VAL B 236 0.75 -25.90 18.03
C VAL B 236 1.99 -25.55 17.22
N GLU B 237 2.00 -26.03 15.98
CA GLU B 237 3.09 -25.70 15.06
C GLU B 237 3.26 -24.20 14.97
N ALA B 238 4.52 -23.77 14.88
CA ALA B 238 4.83 -22.35 14.97
C ALA B 238 4.14 -21.56 13.88
N GLU B 239 3.84 -22.19 12.75
CA GLU B 239 3.10 -21.55 11.67
C GLU B 239 1.61 -21.95 11.62
N ALA B 240 1.13 -22.78 12.55
CA ALA B 240 -0.24 -23.30 12.46
C ALA B 240 -1.21 -22.19 12.10
N SER B 241 -1.78 -22.23 10.88
CA SER B 241 -2.49 -21.08 10.35
C SER B 241 -3.78 -21.42 9.62
N MET B 242 -4.31 -22.63 9.79
CA MET B 242 -5.63 -22.93 9.24
C MET B 242 -6.36 -23.86 10.20
N VAL B 243 -7.62 -23.57 10.46
CA VAL B 243 -8.44 -24.32 11.41
C VAL B 243 -9.62 -24.90 10.66
N ILE B 244 -9.87 -26.19 10.86
CA ILE B 244 -10.99 -26.90 10.26
C ILE B 244 -11.79 -27.53 11.38
N ALA B 245 -13.08 -27.29 11.40
CA ALA B 245 -13.96 -27.87 12.41
C ALA B 245 -14.57 -29.15 11.87
N VAL B 246 -14.12 -30.29 12.39
CA VAL B 246 -14.58 -31.57 11.88
C VAL B 246 -15.99 -31.82 12.40
N PRO B 247 -16.92 -32.29 11.57
CA PRO B 247 -18.29 -32.53 12.06
C PRO B 247 -18.40 -33.78 12.90
N GLU B 248 -19.62 -34.14 13.28
CA GLU B 248 -19.86 -35.39 13.97
C GLU B 248 -19.53 -36.55 13.04
N PRO B 249 -19.19 -37.72 13.59
CA PRO B 249 -19.13 -38.02 15.03
C PRO B 249 -17.81 -37.64 15.68
N PHE B 250 -16.82 -37.25 14.87
CA PHE B 250 -15.49 -36.96 15.40
C PHE B 250 -15.54 -35.81 16.39
N GLY B 251 -15.93 -34.62 15.93
CA GLY B 251 -15.79 -33.43 16.73
C GLY B 251 -14.34 -32.96 16.73
N GLY B 252 -14.11 -31.90 17.48
CA GLY B 252 -12.77 -31.37 17.60
C GLY B 252 -12.37 -30.55 16.38
N ALA B 253 -11.07 -30.26 16.31
CA ALA B 253 -10.55 -29.35 15.30
C ALA B 253 -9.28 -29.91 14.70
N ILE B 254 -8.94 -29.41 13.51
CA ILE B 254 -7.75 -29.79 12.76
C ILE B 254 -6.98 -28.52 12.45
N ILE B 255 -5.67 -28.54 12.68
CA ILE B 255 -4.82 -27.37 12.51
C ILE B 255 -3.78 -27.70 11.44
N ILE B 256 -3.67 -26.82 10.45
CA ILE B 256 -2.82 -27.02 9.28
C ILE B 256 -1.84 -25.86 9.17
N GLY B 257 -0.57 -26.17 8.96
CA GLY B 257 0.46 -25.22 8.58
C GLY B 257 1.07 -25.60 7.24
N GLN B 258 2.40 -25.48 7.14
CA GLN B 258 3.13 -26.14 6.07
C GLN B 258 3.80 -27.42 6.51
N GLU B 259 4.10 -27.57 7.80
CA GLU B 259 4.99 -28.62 8.26
C GLU B 259 4.25 -29.81 8.83
N SER B 260 3.18 -29.59 9.59
CA SER B 260 2.46 -30.66 10.25
C SER B 260 0.97 -30.37 10.24
N ILE B 261 0.19 -31.45 10.36
CA ILE B 261 -1.26 -31.40 10.50
C ILE B 261 -1.63 -32.08 11.80
N THR B 262 -2.35 -31.36 12.67
CA THR B 262 -2.60 -31.83 14.02
C THR B 262 -4.09 -31.80 14.33
N TYR B 263 -4.62 -32.92 14.80
CA TYR B 263 -6.01 -33.03 15.19
C TYR B 263 -6.10 -32.97 16.71
N HIS B 264 -6.83 -31.99 17.22
CA HIS B 264 -7.03 -31.79 18.65
C HIS B 264 -8.49 -32.02 18.98
N ASN B 265 -8.76 -32.86 19.98
CA ASN B 265 -10.12 -33.02 20.51
C ASN B 265 -9.97 -33.38 21.99
N GLY B 266 -10.01 -32.37 22.83
CA GLY B 266 -9.82 -32.61 24.24
C GLY B 266 -8.49 -33.29 24.48
N ASP B 267 -8.53 -34.46 25.12
CA ASP B 267 -7.31 -35.20 25.38
C ASP B 267 -6.71 -35.77 24.09
N LYS B 268 -7.54 -36.11 23.12
CA LYS B 268 -7.06 -36.74 21.90
C LYS B 268 -6.20 -35.75 21.12
N TYR B 269 -5.01 -36.19 20.74
CA TYR B 269 -4.07 -35.38 19.97
C TYR B 269 -3.39 -36.30 18.96
N LEU B 270 -3.48 -35.95 17.67
CA LEU B 270 -2.90 -36.77 16.62
C LEU B 270 -2.19 -35.88 15.61
N ALA B 271 -0.87 -35.98 15.53
CA ALA B 271 -0.08 -35.14 14.65
C ALA B 271 0.56 -36.01 13.57
N ILE B 272 0.45 -35.56 12.32
CA ILE B 272 1.10 -36.22 11.19
C ILE B 272 1.82 -35.15 10.39
N ALA B 273 3.07 -35.42 10.02
CA ALA B 273 3.91 -34.46 9.30
C ALA B 273 4.39 -35.11 8.01
N PRO B 274 3.56 -35.11 6.97
CA PRO B 274 3.94 -35.79 5.73
C PRO B 274 4.89 -34.94 4.91
N PRO B 275 5.86 -35.54 4.22
CA PRO B 275 6.79 -34.74 3.42
C PRO B 275 6.17 -34.11 2.19
N ILE B 276 5.00 -34.59 1.74
CA ILE B 276 4.48 -34.18 0.44
C ILE B 276 3.93 -32.76 0.44
N ILE B 277 3.58 -32.21 1.60
CA ILE B 277 3.06 -30.85 1.67
C ILE B 277 4.13 -29.84 2.03
N LYS B 278 5.38 -30.27 2.19
CA LYS B 278 6.43 -29.37 2.66
C LYS B 278 6.68 -28.24 1.68
N GLN B 279 6.50 -28.49 0.38
CA GLN B 279 6.99 -27.55 -0.62
C GLN B 279 6.16 -26.28 -0.72
N SER B 280 4.85 -26.36 -0.52
CA SER B 280 3.97 -25.23 -0.77
C SER B 280 2.97 -25.07 0.37
N THR B 281 2.56 -23.82 0.60
CA THR B 281 1.59 -23.53 1.64
C THR B 281 0.21 -24.02 1.23
N ILE B 282 -0.54 -24.54 2.19
CA ILE B 282 -1.93 -24.92 1.97
C ILE B 282 -2.82 -23.73 2.27
N VAL B 283 -3.59 -23.29 1.28
CA VAL B 283 -4.25 -21.99 1.35
C VAL B 283 -5.77 -22.09 1.35
N CYS B 284 -6.36 -23.19 0.92
CA CYS B 284 -7.81 -23.32 0.91
C CYS B 284 -8.18 -24.76 1.21
N HIS B 285 -9.41 -24.95 1.70
CA HIS B 285 -9.84 -26.26 2.15
C HIS B 285 -11.34 -26.42 1.91
N ASN B 286 -11.79 -27.67 1.99
CA ASN B 286 -13.20 -27.97 1.84
C ASN B 286 -13.50 -29.31 2.52
N ARG B 287 -14.76 -29.53 2.83
CA ARG B 287 -15.23 -30.80 3.33
C ARG B 287 -15.91 -31.57 2.20
N VAL B 288 -15.43 -32.79 1.95
CA VAL B 288 -15.96 -33.57 0.84
C VAL B 288 -17.17 -34.37 1.27
N ASP B 289 -17.06 -35.11 2.35
CA ASP B 289 -18.16 -35.95 2.83
C ASP B 289 -18.84 -35.31 4.03
N PRO B 290 -20.15 -35.51 4.19
CA PRO B 290 -20.85 -34.83 5.30
C PRO B 290 -20.33 -35.21 6.68
N ASN B 291 -19.75 -36.39 6.83
CA ASN B 291 -19.25 -36.84 8.12
C ASN B 291 -17.78 -36.49 8.34
N GLY B 292 -17.17 -35.72 7.44
CA GLY B 292 -15.80 -35.30 7.61
C GLY B 292 -14.76 -36.35 7.31
N SER B 293 -15.14 -37.46 6.68
CA SER B 293 -14.17 -38.51 6.40
C SER B 293 -13.11 -38.05 5.42
N ARG B 294 -13.43 -37.11 4.53
CA ARG B 294 -12.51 -36.68 3.50
C ARG B 294 -12.55 -35.16 3.38
N TYR B 295 -11.39 -34.56 3.17
CA TYR B 295 -11.26 -33.13 2.95
C TYR B 295 -10.41 -32.87 1.72
N LEU B 296 -10.66 -31.73 1.07
CA LEU B 296 -9.86 -31.28 -0.05
C LEU B 296 -9.02 -30.09 0.38
N LEU B 297 -7.74 -30.13 0.05
CA LEU B 297 -6.82 -29.05 0.36
C LEU B 297 -6.14 -28.60 -0.92
N GLY B 298 -5.99 -27.30 -1.10
CA GLY B 298 -5.27 -26.76 -2.24
C GLY B 298 -4.11 -25.91 -1.75
N ASP B 299 -3.04 -25.89 -2.52
CA ASP B 299 -1.89 -25.08 -2.13
C ASP B 299 -1.65 -24.00 -3.18
N MET B 300 -0.68 -23.13 -2.87
CA MET B 300 -0.50 -21.92 -3.65
C MET B 300 -0.16 -22.21 -5.10
N GLU B 301 0.68 -23.21 -5.35
CA GLU B 301 1.10 -23.55 -6.71
C GLU B 301 0.11 -24.48 -7.40
N GLY B 302 -1.11 -24.58 -6.90
CA GLY B 302 -2.18 -25.24 -7.63
C GLY B 302 -2.37 -26.72 -7.38
N ARG B 303 -1.58 -27.34 -6.49
CA ARG B 303 -1.76 -28.75 -6.22
C ARG B 303 -2.97 -28.97 -5.33
N LEU B 304 -3.60 -30.13 -5.50
CA LEU B 304 -4.80 -30.54 -4.79
C LEU B 304 -4.53 -31.86 -4.08
N PHE B 305 -4.73 -31.85 -2.76
CA PHE B 305 -4.51 -33.01 -1.89
C PHE B 305 -5.83 -33.43 -1.28
N MET B 306 -5.92 -34.70 -0.91
CA MET B 306 -7.05 -35.23 -0.17
C MET B 306 -6.58 -35.64 1.21
N LEU B 307 -7.23 -35.11 2.24
CA LEU B 307 -6.92 -35.44 3.63
C LEU B 307 -7.95 -36.44 4.12
N LEU B 308 -7.48 -37.61 4.55
CA LEU B 308 -8.33 -38.72 4.93
C LEU B 308 -8.34 -38.86 6.45
N LEU B 309 -9.52 -39.12 7.02
CA LEU B 309 -9.66 -39.41 8.44
C LEU B 309 -10.14 -40.84 8.59
N GLU B 310 -9.39 -41.64 9.33
CA GLU B 310 -9.70 -43.05 9.55
C GLU B 310 -10.24 -43.24 10.95
N LYS B 311 -11.36 -43.96 11.06
CA LYS B 311 -12.12 -44.02 12.30
C LYS B 311 -12.13 -45.43 12.86
N GLU B 312 -12.20 -45.51 14.19
CA GLU B 312 -12.39 -46.77 14.89
C GLU B 312 -13.62 -46.67 15.77
N GLU B 313 -14.30 -47.81 15.95
CA GLU B 313 -15.49 -47.90 16.78
C GLU B 313 -15.12 -48.57 18.08
N GLN B 314 -15.22 -47.85 19.18
CA GLN B 314 -14.99 -48.42 20.50
C GLN B 314 -16.18 -49.30 20.88
N MET B 315 -15.89 -50.50 21.37
CA MET B 315 -16.95 -51.39 21.81
C MET B 315 -17.74 -50.73 22.93
N ASP B 316 -19.02 -50.49 22.69
CA ASP B 316 -19.89 -49.81 23.66
C ASP B 316 -19.33 -48.42 23.99
N GLY B 317 -18.98 -47.68 22.96
CA GLY B 317 -18.43 -46.34 23.11
C GLY B 317 -18.86 -45.46 21.96
N THR B 318 -17.92 -44.62 21.49
CA THR B 318 -18.19 -43.69 20.41
C THR B 318 -17.05 -43.77 19.39
N VAL B 319 -17.35 -43.35 18.17
CA VAL B 319 -16.35 -43.36 17.10
C VAL B 319 -15.22 -42.40 17.47
N THR B 320 -14.00 -42.80 17.15
CA THR B 320 -12.82 -42.00 17.42
C THR B 320 -11.90 -42.01 16.21
N LEU B 321 -11.01 -41.01 16.15
CA LEU B 321 -10.09 -40.87 15.04
C LEU B 321 -8.83 -41.67 15.34
N LYS B 322 -8.34 -42.41 14.34
CA LYS B 322 -7.16 -43.25 14.49
C LYS B 322 -5.89 -42.63 13.90
N ASP B 323 -5.94 -42.18 12.64
CA ASP B 323 -4.77 -41.59 12.03
C ASP B 323 -5.20 -40.70 10.88
N LEU B 324 -4.30 -39.80 10.49
CA LEU B 324 -4.52 -38.86 9.40
C LEU B 324 -3.60 -39.21 8.24
N ARG B 325 -4.16 -39.22 7.03
CA ARG B 325 -3.39 -39.49 5.82
C ARG B 325 -3.64 -38.37 4.82
N VAL B 326 -2.61 -38.07 4.04
CA VAL B 326 -2.66 -37.06 2.99
C VAL B 326 -2.05 -37.64 1.74
N GLU B 327 -2.73 -37.48 0.61
CA GLU B 327 -2.19 -37.92 -0.67
C GLU B 327 -2.47 -36.87 -1.73
N LEU B 328 -1.54 -36.75 -2.69
CA LEU B 328 -1.60 -35.71 -3.71
C LEU B 328 -2.55 -36.14 -4.82
N LEU B 329 -3.77 -35.61 -4.83
CA LEU B 329 -4.71 -35.94 -5.89
C LEU B 329 -4.19 -35.48 -7.25
N GLY B 330 -3.67 -34.26 -7.32
CA GLY B 330 -3.14 -33.82 -8.61
C GLY B 330 -2.85 -32.35 -8.66
N GLU B 331 -2.90 -31.80 -9.87
CA GLU B 331 -2.55 -30.40 -10.13
C GLU B 331 -3.69 -29.72 -10.87
N THR B 332 -4.09 -28.56 -10.36
CA THR B 332 -5.16 -27.77 -10.96
C THR B 332 -4.71 -26.34 -11.18
N SER B 333 -5.63 -25.44 -11.52
CA SER B 333 -5.31 -24.03 -11.52
C SER B 333 -5.13 -23.55 -10.10
N ILE B 334 -4.36 -22.46 -9.94
CA ILE B 334 -4.06 -21.94 -8.62
C ILE B 334 -5.38 -21.73 -7.88
N ALA B 335 -5.56 -22.43 -6.76
CA ALA B 335 -6.87 -22.57 -6.13
C ALA B 335 -7.11 -21.42 -5.16
N GLU B 336 -8.14 -20.63 -5.43
CA GLU B 336 -8.63 -19.62 -4.51
C GLU B 336 -9.77 -20.11 -3.65
N CYS B 337 -10.63 -20.96 -4.20
CA CYS B 337 -11.73 -21.55 -3.44
C CYS B 337 -12.02 -22.93 -4.02
N LEU B 338 -12.30 -23.87 -3.13
CA LEU B 338 -12.60 -25.25 -3.51
C LEU B 338 -13.94 -25.64 -2.95
N THR B 339 -14.78 -26.22 -3.80
CA THR B 339 -16.07 -26.76 -3.40
C THR B 339 -16.29 -28.07 -4.13
N TYR B 340 -16.96 -29.01 -3.45
CA TYR B 340 -17.14 -30.37 -3.95
C TYR B 340 -18.58 -30.55 -4.42
N LEU B 341 -18.78 -30.50 -5.72
CA LEU B 341 -20.07 -30.84 -6.30
C LEU B 341 -20.20 -32.36 -6.40
N ASP B 342 -21.40 -32.85 -6.11
CA ASP B 342 -21.64 -34.28 -5.97
C ASP B 342 -21.16 -35.04 -7.19
N ASN B 343 -21.02 -36.36 -7.02
CA ASN B 343 -20.56 -37.26 -8.08
C ASN B 343 -19.11 -36.97 -8.45
N GLY B 344 -18.29 -36.69 -7.45
CA GLY B 344 -16.87 -36.52 -7.66
C GLY B 344 -16.51 -35.41 -8.63
N VAL B 345 -17.13 -34.25 -8.48
CA VAL B 345 -16.75 -33.06 -9.24
C VAL B 345 -16.27 -32.01 -8.26
N VAL B 346 -15.29 -31.21 -8.66
CA VAL B 346 -14.76 -30.16 -7.81
C VAL B 346 -14.66 -28.88 -8.63
N PHE B 347 -15.19 -27.78 -8.09
CA PHE B 347 -15.14 -26.50 -8.78
C PHE B 347 -13.98 -25.70 -8.21
N VAL B 348 -12.87 -25.65 -8.95
CA VAL B 348 -11.67 -24.93 -8.51
C VAL B 348 -11.81 -23.51 -9.02
N GLY B 349 -12.08 -22.58 -8.12
CA GLY B 349 -12.03 -21.17 -8.48
C GLY B 349 -10.62 -20.63 -8.35
N SER B 350 -10.32 -19.60 -9.13
CA SER B 350 -8.98 -19.02 -9.12
C SER B 350 -9.09 -17.54 -9.44
N ARG B 351 -8.30 -16.74 -8.73
CA ARG B 351 -8.18 -15.32 -9.05
C ARG B 351 -7.04 -15.05 -10.01
N LEU B 352 -6.07 -15.96 -10.11
CA LEU B 352 -4.92 -15.78 -10.98
C LEU B 352 -5.08 -16.44 -12.34
N GLY B 353 -6.00 -17.39 -12.49
CA GLY B 353 -6.18 -18.09 -13.74
C GLY B 353 -7.61 -18.54 -13.91
N ASP B 354 -7.85 -19.20 -15.05
CA ASP B 354 -9.19 -19.67 -15.37
C ASP B 354 -9.69 -20.60 -14.27
N SER B 355 -10.96 -20.45 -13.92
CA SER B 355 -11.58 -21.41 -13.01
C SER B 355 -11.88 -22.69 -13.78
N GLN B 356 -12.21 -23.76 -13.07
CA GLN B 356 -12.49 -25.00 -13.80
C GLN B 356 -13.31 -25.97 -12.97
N LEU B 357 -13.80 -26.98 -13.65
CA LEU B 357 -14.51 -28.12 -13.05
C LEU B 357 -13.65 -29.36 -13.27
N VAL B 358 -12.94 -29.77 -12.22
CA VAL B 358 -12.11 -30.97 -12.30
C VAL B 358 -12.92 -32.19 -11.86
N LYS B 359 -12.53 -33.35 -12.37
CA LYS B 359 -13.18 -34.62 -12.11
C LYS B 359 -12.21 -35.53 -11.37
N LEU B 360 -12.65 -36.09 -10.25
CA LEU B 360 -11.82 -36.95 -9.43
C LEU B 360 -12.12 -38.40 -9.77
N ASN B 361 -11.13 -39.10 -10.30
CA ASN B 361 -11.29 -40.49 -10.70
C ASN B 361 -10.87 -41.42 -9.57
N VAL B 362 -11.38 -42.65 -9.60
CA VAL B 362 -11.02 -43.65 -8.61
C VAL B 362 -9.61 -44.19 -8.84
N ASP B 363 -9.10 -44.09 -10.06
CA ASP B 363 -7.74 -44.50 -10.37
C ASP B 363 -7.03 -43.40 -11.16
N SER B 364 -5.71 -43.35 -11.02
CA SER B 364 -4.92 -42.31 -11.67
C SER B 364 -4.67 -42.65 -13.14
N ASN B 365 -4.61 -41.61 -13.96
CA ASN B 365 -4.15 -41.79 -15.32
C ASN B 365 -2.66 -42.11 -15.32
N GLU B 366 -2.14 -42.50 -16.49
CA GLU B 366 -0.76 -42.98 -16.55
C GLU B 366 0.24 -41.96 -16.04
N GLN B 367 -0.09 -40.67 -16.10
CA GLN B 367 0.83 -39.64 -15.61
C GLN B 367 0.97 -39.65 -14.09
N GLY B 368 0.12 -40.37 -13.38
CA GLY B 368 0.19 -40.43 -11.94
C GLY B 368 -0.68 -39.45 -11.19
N SER B 369 -1.67 -38.85 -11.86
CA SER B 369 -2.57 -37.89 -11.24
C SER B 369 -4.01 -38.33 -11.44
N TYR B 370 -4.83 -38.15 -10.41
CA TYR B 370 -6.22 -38.58 -10.43
C TYR B 370 -7.17 -37.50 -10.94
N VAL B 371 -6.66 -36.31 -11.29
CA VAL B 371 -7.49 -35.15 -11.57
C VAL B 371 -7.47 -34.88 -13.07
N VAL B 372 -8.65 -34.77 -13.67
CA VAL B 372 -8.81 -34.42 -15.06
C VAL B 372 -9.77 -33.23 -15.15
N ALA B 373 -9.64 -32.47 -16.24
CA ALA B 373 -10.35 -31.21 -16.40
C ALA B 373 -11.55 -31.39 -17.33
N MET B 374 -12.72 -30.99 -16.85
CA MET B 374 -13.96 -31.06 -17.63
C MET B 374 -14.28 -29.76 -18.36
N GLU B 375 -14.30 -28.65 -17.63
CA GLU B 375 -14.68 -27.37 -18.20
C GLU B 375 -13.81 -26.28 -17.60
N THR B 376 -13.65 -25.20 -18.36
CA THR B 376 -12.85 -24.06 -17.95
C THR B 376 -13.65 -22.79 -18.12
N PHE B 377 -13.55 -21.91 -17.12
CA PHE B 377 -14.24 -20.63 -17.11
C PHE B 377 -13.23 -19.51 -17.21
N THR B 378 -13.45 -18.60 -18.15
CA THR B 378 -12.52 -17.53 -18.45
C THR B 378 -12.37 -16.59 -17.26
N ASN B 379 -11.13 -16.21 -16.97
CA ASN B 379 -10.80 -15.23 -15.94
C ASN B 379 -9.77 -14.28 -16.49
N LEU B 380 -10.20 -13.08 -16.88
CA LEU B 380 -9.29 -12.13 -17.52
C LEU B 380 -8.29 -11.55 -16.55
N GLY B 381 -8.67 -11.39 -15.28
CA GLY B 381 -7.80 -10.76 -14.31
C GLY B 381 -6.73 -11.70 -13.80
N PRO B 382 -5.62 -11.16 -13.27
CA PRO B 382 -5.30 -9.73 -13.20
C PRO B 382 -4.85 -9.20 -14.54
N ILE B 383 -5.24 -7.98 -14.89
CA ILE B 383 -4.79 -7.34 -16.12
C ILE B 383 -3.64 -6.41 -15.73
N VAL B 384 -2.41 -6.86 -15.98
CA VAL B 384 -1.25 -6.07 -15.58
C VAL B 384 -0.89 -5.00 -16.60
N ASP B 385 -1.25 -5.18 -17.86
CA ASP B 385 -1.10 -4.14 -18.86
C ASP B 385 -1.96 -4.53 -20.06
N MET B 386 -2.22 -3.54 -20.92
CA MET B 386 -3.15 -3.76 -22.01
C MET B 386 -2.88 -2.70 -23.07
N CYS B 387 -3.30 -3.01 -24.30
CA CYS B 387 -3.09 -2.11 -25.42
C CYS B 387 -4.16 -2.34 -26.47
N VAL B 388 -4.61 -1.27 -27.10
CA VAL B 388 -5.63 -1.32 -28.14
C VAL B 388 -4.93 -1.36 -29.49
N VAL B 389 -5.35 -2.28 -30.35
CA VAL B 389 -4.68 -2.52 -31.62
C VAL B 389 -5.71 -2.99 -32.64
N ASP B 390 -5.70 -2.39 -33.83
CA ASP B 390 -6.60 -2.79 -34.91
C ASP B 390 -5.85 -3.77 -35.81
N LEU B 391 -5.90 -5.05 -35.44
CA LEU B 391 -5.14 -6.06 -36.16
C LEU B 391 -5.62 -6.19 -37.61
N GLU B 392 -6.93 -6.20 -37.81
CA GLU B 392 -7.51 -6.43 -39.14
C GLU B 392 -7.84 -5.15 -39.88
N ARG B 393 -7.60 -3.98 -39.29
CA ARG B 393 -7.63 -2.70 -39.99
C ARG B 393 -9.03 -2.30 -40.48
N GLN B 394 -10.09 -2.75 -39.81
CA GLN B 394 -11.44 -2.32 -40.18
C GLN B 394 -11.88 -1.06 -39.44
N GLY B 395 -11.00 -0.44 -38.67
CA GLY B 395 -11.33 0.78 -37.97
C GLY B 395 -11.99 0.59 -36.61
N GLN B 396 -12.26 -0.65 -36.21
CA GLN B 396 -12.75 -0.94 -34.86
C GLN B 396 -11.69 -1.83 -34.21
N GLY B 397 -10.88 -1.24 -33.35
CA GLY B 397 -9.73 -1.93 -32.83
C GLY B 397 -10.09 -2.99 -31.81
N GLN B 398 -9.31 -4.05 -31.79
CA GLN B 398 -9.36 -5.06 -30.76
C GLN B 398 -8.50 -4.64 -29.57
N LEU B 399 -8.51 -5.46 -28.53
CA LEU B 399 -7.77 -5.18 -27.31
C LEU B 399 -6.93 -6.39 -26.95
N VAL B 400 -5.75 -6.15 -26.39
CA VAL B 400 -4.86 -7.23 -25.96
C VAL B 400 -4.46 -6.94 -24.52
N THR B 401 -4.63 -7.94 -23.66
CA THR B 401 -4.36 -7.78 -22.24
C THR B 401 -3.40 -8.87 -21.78
N CYS B 402 -2.49 -8.51 -20.88
CA CYS B 402 -1.59 -9.46 -20.24
C CYS B 402 -2.25 -9.94 -18.95
N SER B 403 -2.79 -11.14 -18.96
CA SER B 403 -3.61 -11.66 -17.88
C SER B 403 -2.89 -12.72 -17.10
N GLY B 404 -3.31 -12.92 -15.86
CA GLY B 404 -2.84 -14.02 -15.05
C GLY B 404 -1.46 -13.78 -14.47
N ALA B 405 -1.02 -14.77 -13.68
CA ALA B 405 0.30 -14.75 -13.08
C ALA B 405 0.78 -16.18 -12.92
N PHE B 406 2.10 -16.34 -12.79
CA PHE B 406 2.72 -17.66 -12.63
C PHE B 406 2.30 -18.52 -13.83
N LYS B 407 2.05 -19.81 -13.63
CA LYS B 407 1.79 -20.69 -14.76
C LYS B 407 0.50 -20.32 -15.49
N GLU B 408 -0.35 -19.50 -14.88
CA GLU B 408 -1.62 -19.14 -15.52
C GLU B 408 -1.49 -17.98 -16.49
N GLY B 409 -0.33 -17.31 -16.54
CA GLY B 409 -0.23 -16.11 -17.35
C GLY B 409 -0.60 -16.41 -18.80
N SER B 410 -1.12 -15.39 -19.48
CA SER B 410 -1.55 -15.54 -20.86
C SER B 410 -1.79 -14.17 -21.45
N LEU B 411 -2.08 -14.15 -22.74
CA LEU B 411 -2.55 -12.96 -23.43
C LEU B 411 -3.99 -13.17 -23.86
N ARG B 412 -4.86 -12.23 -23.53
CA ARG B 412 -6.27 -12.29 -23.91
C ARG B 412 -6.53 -11.27 -25.00
N ILE B 413 -7.14 -11.72 -26.09
CA ILE B 413 -7.50 -10.88 -27.22
C ILE B 413 -9.01 -10.69 -27.17
N ILE B 414 -9.45 -9.44 -27.01
CA ILE B 414 -10.84 -9.11 -26.78
C ILE B 414 -11.36 -8.32 -27.97
N ARG B 415 -12.54 -8.68 -28.46
CA ARG B 415 -13.16 -7.98 -29.57
C ARG B 415 -14.67 -8.03 -29.40
N ASN B 416 -15.37 -7.21 -30.18
CA ASN B 416 -16.83 -7.23 -30.15
C ASN B 416 -17.39 -8.15 -31.22
N LEU B 430 -19.26 -9.90 -26.28
CA LEU B 430 -17.82 -9.71 -26.12
C LEU B 430 -17.09 -11.03 -26.28
N HIS B 431 -16.27 -11.14 -27.32
CA HIS B 431 -15.58 -12.37 -27.67
C HIS B 431 -14.13 -12.30 -27.19
N ILE B 432 -13.69 -13.37 -26.53
CA ILE B 432 -12.35 -13.43 -25.94
C ILE B 432 -11.62 -14.65 -26.49
N ARG B 433 -10.35 -14.47 -26.81
CA ARG B 433 -9.47 -15.53 -27.26
C ARG B 433 -8.24 -15.55 -26.36
N THR B 434 -7.68 -16.74 -26.15
CA THR B 434 -6.60 -16.91 -25.19
C THR B 434 -5.33 -17.40 -25.86
N VAL B 435 -4.19 -16.96 -25.34
CA VAL B 435 -2.88 -17.43 -25.77
C VAL B 435 -2.05 -17.68 -24.52
N PRO B 436 -1.94 -18.92 -24.04
CA PRO B 436 -1.18 -19.16 -22.81
C PRO B 436 0.31 -18.91 -22.98
N LEU B 437 0.94 -18.53 -21.88
CA LEU B 437 2.38 -18.34 -21.83
C LEU B 437 3.08 -19.21 -20.79
N TYR B 438 2.39 -19.62 -19.73
CA TYR B 438 2.98 -20.38 -18.65
C TYR B 438 4.07 -19.59 -17.91
N GLU B 439 4.00 -18.27 -17.97
CA GLU B 439 4.86 -17.39 -17.18
C GLU B 439 4.16 -16.05 -17.07
N SER B 440 4.62 -15.23 -16.14
CA SER B 440 3.89 -14.00 -15.83
C SER B 440 4.22 -12.92 -16.86
N PRO B 441 3.25 -12.43 -17.62
CA PRO B 441 3.50 -11.25 -18.46
C PRO B 441 3.30 -9.97 -17.66
N ARG B 442 4.11 -8.96 -17.97
CA ARG B 442 4.13 -7.73 -17.19
C ARG B 442 3.73 -6.50 -18.00
N LYS B 443 4.22 -6.36 -19.23
CA LYS B 443 3.92 -5.20 -20.06
C LYS B 443 3.63 -5.66 -21.48
N ILE B 444 3.24 -4.71 -22.33
CA ILE B 444 2.93 -5.04 -23.72
C ILE B 444 2.97 -3.75 -24.54
N CYS B 445 3.32 -3.89 -25.82
CA CYS B 445 3.25 -2.79 -26.77
C CYS B 445 3.19 -3.39 -28.16
N TYR B 446 2.76 -2.58 -29.13
CA TYR B 446 2.43 -3.07 -30.46
C TYR B 446 3.23 -2.32 -31.50
N GLN B 447 3.89 -3.05 -32.40
CA GLN B 447 4.61 -2.48 -33.53
C GLN B 447 3.81 -2.71 -34.79
N GLU B 448 3.21 -1.66 -35.33
CA GLU B 448 2.40 -1.82 -36.54
C GLU B 448 3.26 -2.29 -37.70
N VAL B 449 4.44 -1.68 -37.89
CA VAL B 449 5.25 -1.98 -39.06
C VAL B 449 5.76 -3.41 -39.02
N SER B 450 6.22 -3.86 -37.85
CA SER B 450 6.73 -5.22 -37.72
C SER B 450 5.64 -6.26 -37.54
N GLN B 451 4.40 -5.85 -37.33
CA GLN B 451 3.29 -6.78 -37.14
C GLN B 451 3.59 -7.77 -36.01
N CYS B 452 4.00 -7.23 -34.87
CA CYS B 452 4.35 -8.06 -33.73
C CYS B 452 4.08 -7.31 -32.44
N PHE B 453 3.92 -8.08 -31.37
CA PHE B 453 3.73 -7.57 -30.01
C PHE B 453 5.01 -7.79 -29.23
N GLY B 454 5.42 -6.77 -28.47
CA GLY B 454 6.51 -6.91 -27.53
C GLY B 454 5.93 -7.08 -26.13
N VAL B 455 6.36 -8.15 -25.46
CA VAL B 455 5.81 -8.51 -24.15
C VAL B 455 6.96 -8.78 -23.20
N LEU B 456 7.03 -8.02 -22.11
CA LEU B 456 7.94 -8.35 -21.02
C LEU B 456 7.34 -9.50 -20.22
N SER B 457 8.17 -10.48 -19.86
CA SER B 457 7.68 -11.62 -19.11
C SER B 457 8.70 -12.00 -18.05
N SER B 458 8.21 -12.68 -17.02
CA SER B 458 9.02 -13.10 -15.89
C SER B 458 8.67 -14.54 -15.54
N ARG B 459 9.69 -15.35 -15.29
CA ARG B 459 9.48 -16.72 -14.85
C ARG B 459 10.39 -17.01 -13.66
N ILE B 460 9.88 -17.81 -12.73
CA ILE B 460 10.60 -18.16 -11.51
C ILE B 460 11.41 -19.42 -11.76
N GLU B 461 12.69 -19.39 -11.40
CA GLU B 461 13.58 -20.51 -11.57
C GLU B 461 14.30 -20.80 -10.26
N VAL B 462 14.43 -22.08 -9.92
CA VAL B 462 15.13 -22.47 -8.71
C VAL B 462 16.64 -22.38 -8.93
N GLN B 463 17.38 -22.26 -7.84
CA GLN B 463 18.82 -22.06 -7.88
C GLN B 463 19.60 -23.37 -7.87
N ASP B 464 18.93 -24.50 -7.72
CA ASP B 464 19.59 -25.80 -7.71
C ASP B 464 20.47 -26.02 -8.94
N GLY B 468 24.06 -22.85 -11.16
CA GLY B 468 23.11 -22.47 -12.19
C GLY B 468 21.67 -22.51 -11.69
N THR B 469 20.74 -22.14 -12.56
CA THR B 469 19.32 -22.12 -12.24
C THR B 469 18.58 -23.09 -13.14
N THR B 470 17.57 -23.77 -12.59
CA THR B 470 16.79 -24.76 -13.32
C THR B 470 15.35 -24.28 -13.45
N ALA B 471 14.80 -24.41 -14.65
CA ALA B 471 13.42 -24.03 -14.90
C ALA B 471 12.47 -25.02 -14.25
N LEU B 472 11.25 -24.57 -13.96
CA LEU B 472 10.26 -25.43 -13.34
C LEU B 472 9.40 -26.16 -14.37
N ARG B 473 8.94 -25.47 -15.40
CA ARG B 473 8.08 -26.07 -16.42
C ARG B 473 8.36 -25.38 -17.74
N PRO B 474 8.06 -26.03 -18.85
CA PRO B 474 8.24 -25.36 -20.15
C PRO B 474 7.40 -24.09 -20.21
N SER B 475 7.97 -23.06 -20.80
CA SER B 475 7.37 -21.74 -20.80
C SER B 475 7.42 -21.16 -22.21
N ALA B 476 6.77 -20.01 -22.37
CA ALA B 476 6.83 -19.33 -23.66
C ALA B 476 8.24 -18.85 -23.97
N SER B 477 8.95 -18.34 -22.96
CA SER B 477 10.29 -17.81 -23.20
C SER B 477 11.29 -18.92 -23.51
N THR B 478 11.12 -20.10 -22.91
CA THR B 478 12.05 -21.20 -23.14
C THR B 478 11.71 -22.01 -24.39
N GLN B 479 10.53 -21.80 -24.97
CA GLN B 479 10.11 -22.53 -26.17
C GLN B 479 9.94 -21.61 -27.37
N ALA B 480 10.70 -20.52 -27.41
CA ALA B 480 10.60 -19.59 -28.52
C ALA B 480 11.33 -20.15 -29.75
N LEU B 481 10.87 -19.74 -30.92
CA LEU B 481 11.48 -20.21 -32.17
C LEU B 481 12.95 -19.84 -32.26
N SER B 482 13.36 -18.72 -31.67
CA SER B 482 14.75 -18.33 -31.62
C SER B 482 14.99 -17.53 -30.35
N SER B 483 16.12 -17.78 -29.70
CA SER B 483 16.41 -17.22 -28.40
C SER B 483 17.73 -16.47 -28.43
N SER B 484 17.83 -15.43 -27.61
CA SER B 484 19.07 -14.68 -27.46
C SER B 484 19.29 -14.42 -25.98
N VAL B 485 20.55 -14.24 -25.61
CA VAL B 485 20.94 -13.95 -24.24
C VAL B 485 21.73 -12.65 -24.22
N SER B 486 21.32 -11.73 -23.35
CA SER B 486 21.97 -10.43 -23.28
C SER B 486 23.37 -10.56 -22.71
N SER B 487 24.28 -9.70 -23.18
CA SER B 487 25.65 -9.68 -22.72
C SER B 487 26.10 -8.24 -22.53
N SER B 488 26.90 -7.99 -21.50
CA SER B 488 27.42 -6.65 -21.23
C SER B 488 28.52 -6.70 -20.19
N SER B 501 22.14 -19.12 -2.70
CA SER B 501 21.68 -20.20 -1.84
C SER B 501 21.41 -21.46 -2.66
N PHE B 502 20.76 -22.44 -2.04
CA PHE B 502 20.45 -23.69 -2.72
C PHE B 502 19.05 -23.68 -3.32
N GLY B 503 18.03 -23.53 -2.47
CA GLY B 503 16.64 -23.56 -2.91
C GLY B 503 16.06 -22.21 -3.25
N GLU B 504 16.84 -21.14 -3.20
CA GLU B 504 16.30 -19.82 -3.46
C GLU B 504 15.73 -19.75 -4.87
N GLU B 505 14.64 -18.99 -5.02
CA GLU B 505 13.94 -18.83 -6.28
C GLU B 505 14.24 -17.46 -6.85
N VAL B 506 14.88 -17.43 -8.01
CA VAL B 506 15.20 -16.18 -8.69
C VAL B 506 14.18 -15.98 -9.80
N GLU B 507 14.15 -14.77 -10.34
CA GLU B 507 13.27 -14.42 -11.44
C GLU B 507 14.11 -14.12 -12.67
N VAL B 508 13.83 -14.83 -13.76
CA VAL B 508 14.48 -14.59 -15.04
C VAL B 508 13.51 -13.84 -15.92
N HIS B 509 13.96 -12.74 -16.50
CA HIS B 509 13.12 -11.83 -17.26
C HIS B 509 13.44 -11.93 -18.73
N ASN B 510 12.40 -11.88 -19.56
CA ASN B 510 12.53 -12.03 -20.99
C ASN B 510 11.76 -10.93 -21.68
N LEU B 511 12.18 -10.61 -22.89
CA LEU B 511 11.40 -9.83 -23.83
C LEU B 511 10.98 -10.76 -24.96
N LEU B 512 9.68 -10.85 -25.19
CA LEU B 512 9.12 -11.77 -26.17
C LEU B 512 8.54 -10.99 -27.33
N ILE B 513 8.95 -11.35 -28.54
CA ILE B 513 8.34 -10.85 -29.75
C ILE B 513 7.38 -11.90 -30.24
N ILE B 514 6.09 -11.55 -30.29
CA ILE B 514 5.01 -12.48 -30.59
C ILE B 514 4.32 -12.03 -31.86
N ASP B 515 4.20 -12.93 -32.83
CA ASP B 515 3.53 -12.60 -34.08
C ASP B 515 2.08 -12.23 -33.79
N GLN B 516 1.53 -11.31 -34.58
CA GLN B 516 0.20 -10.80 -34.29
C GLN B 516 -0.92 -11.67 -34.83
N HIS B 517 -0.64 -12.54 -35.80
CA HIS B 517 -1.67 -13.39 -36.39
C HIS B 517 -1.67 -14.79 -35.79
N THR B 518 -0.55 -15.49 -35.85
CA THR B 518 -0.46 -16.83 -35.30
C THR B 518 -0.23 -16.83 -33.79
N PHE B 519 0.22 -15.72 -33.23
CA PHE B 519 0.47 -15.58 -31.78
C PHE B 519 1.51 -16.57 -31.28
N GLU B 520 2.37 -17.06 -32.17
CA GLU B 520 3.49 -17.89 -31.77
C GLU B 520 4.68 -16.99 -31.40
N VAL B 521 5.45 -17.43 -30.42
CA VAL B 521 6.52 -16.60 -29.88
C VAL B 521 7.67 -16.57 -30.88
N LEU B 522 7.75 -15.50 -31.66
CA LEU B 522 8.79 -15.40 -32.68
C LEU B 522 10.18 -15.32 -32.06
N HIS B 523 10.32 -14.58 -30.96
CA HIS B 523 11.66 -14.41 -30.40
C HIS B 523 11.60 -14.19 -28.90
N ALA B 524 12.66 -14.61 -28.21
CA ALA B 524 12.76 -14.46 -26.76
C ALA B 524 14.18 -14.05 -26.40
N HIS B 525 14.31 -12.90 -25.74
CA HIS B 525 15.59 -12.33 -25.36
C HIS B 525 15.68 -12.32 -23.84
N GLN B 526 16.64 -13.04 -23.29
CA GLN B 526 16.81 -13.16 -21.85
C GLN B 526 17.76 -12.10 -21.34
N PHE B 527 17.37 -11.42 -20.28
CA PHE B 527 18.16 -10.30 -19.77
C PHE B 527 19.26 -10.79 -18.85
N LEU B 528 20.07 -9.85 -18.38
CA LEU B 528 21.19 -10.19 -17.52
C LEU B 528 20.72 -10.77 -16.20
N GLN B 529 21.63 -11.46 -15.52
CA GLN B 529 21.33 -12.02 -14.21
C GLN B 529 21.10 -10.90 -13.20
N ASN B 530 20.09 -11.10 -12.34
CA ASN B 530 19.73 -10.10 -11.32
C ASN B 530 19.40 -8.75 -11.96
N GLU B 531 18.65 -8.77 -13.06
CA GLU B 531 18.14 -7.56 -13.69
C GLU B 531 16.64 -7.68 -13.82
N TYR B 532 15.92 -6.59 -13.53
CA TYR B 532 14.47 -6.58 -13.51
C TYR B 532 14.00 -5.55 -14.51
N ALA B 533 13.22 -5.98 -15.51
CA ALA B 533 12.75 -5.08 -16.54
C ALA B 533 11.44 -4.42 -16.11
N LEU B 534 11.40 -3.10 -16.18
CA LEU B 534 10.28 -2.32 -15.65
C LEU B 534 9.38 -1.74 -16.72
N SER B 535 9.95 -1.18 -17.79
CA SER B 535 9.20 -0.42 -18.77
C SER B 535 9.43 -0.96 -20.17
N LEU B 536 8.44 -0.74 -21.04
CA LEU B 536 8.49 -1.21 -22.43
C LEU B 536 7.70 -0.20 -23.27
N VAL B 537 8.41 0.48 -24.18
CA VAL B 537 7.80 1.41 -25.11
C VAL B 537 8.30 1.09 -26.51
N SER B 538 7.39 1.10 -27.48
CA SER B 538 7.73 0.93 -28.89
C SER B 538 7.51 2.26 -29.60
N CYS B 539 8.54 2.74 -30.30
CA CYS B 539 8.46 4.03 -30.95
C CYS B 539 9.64 4.21 -31.89
N LYS B 540 9.58 5.25 -32.71
CA LYS B 540 10.69 5.65 -33.57
C LYS B 540 11.20 7.00 -33.09
N LEU B 541 12.48 7.06 -32.76
CA LEU B 541 13.07 8.27 -32.20
C LEU B 541 13.73 9.10 -33.30
N GLY B 542 13.71 10.42 -33.12
CA GLY B 542 14.45 11.28 -34.01
C GLY B 542 13.99 11.14 -35.44
N LYS B 543 14.91 11.46 -36.34
CA LYS B 543 14.65 11.31 -37.77
C LYS B 543 14.89 9.90 -38.27
N ASP B 544 15.32 9.00 -37.40
CA ASP B 544 15.57 7.60 -37.74
C ASP B 544 14.29 6.98 -38.29
N PRO B 545 14.33 6.30 -39.44
CA PRO B 545 13.11 5.69 -39.99
C PRO B 545 12.77 4.31 -39.43
N ASN B 546 13.69 3.64 -38.72
CA ASN B 546 13.37 2.34 -38.15
C ASN B 546 12.54 2.49 -36.89
N THR B 547 11.83 1.43 -36.53
CA THR B 547 11.02 1.38 -35.33
C THR B 547 11.65 0.43 -34.32
N TYR B 548 11.67 0.85 -33.05
CA TYR B 548 12.47 0.19 -32.03
C TYR B 548 11.64 -0.25 -30.84
N PHE B 549 12.06 -1.36 -30.23
CA PHE B 549 11.57 -1.81 -28.94
C PHE B 549 12.56 -1.33 -27.89
N ILE B 550 12.17 -0.36 -27.08
CA ILE B 550 13.06 0.20 -26.09
C ILE B 550 12.64 -0.31 -24.73
N VAL B 551 13.61 -0.76 -23.93
CA VAL B 551 13.34 -1.42 -22.66
C VAL B 551 14.11 -0.70 -21.56
N GLY B 552 13.45 -0.46 -20.43
CA GLY B 552 14.11 0.04 -19.24
C GLY B 552 14.25 -1.07 -18.22
N THR B 553 15.44 -1.17 -17.62
CA THR B 553 15.73 -2.23 -16.67
C THR B 553 16.50 -1.67 -15.49
N ALA B 554 16.33 -2.30 -14.33
CA ALA B 554 17.00 -1.91 -13.11
C ALA B 554 17.73 -3.10 -12.52
N MET B 555 18.97 -2.89 -12.10
CA MET B 555 19.78 -3.94 -11.49
C MET B 555 19.44 -4.02 -10.01
N VAL B 556 18.77 -5.10 -9.61
CA VAL B 556 18.30 -5.25 -8.24
C VAL B 556 19.11 -6.37 -7.59
N TYR B 557 19.90 -6.02 -6.58
CA TYR B 557 20.58 -6.99 -5.73
C TYR B 557 19.91 -7.05 -4.38
N PRO B 558 19.67 -8.23 -3.81
CA PRO B 558 18.91 -8.29 -2.55
C PRO B 558 19.55 -7.52 -1.41
N GLU B 559 20.88 -7.45 -1.36
CA GLU B 559 21.54 -6.74 -0.26
C GLU B 559 21.20 -5.25 -0.30
N GLU B 560 21.11 -4.66 -1.49
CA GLU B 560 20.76 -3.26 -1.61
C GLU B 560 19.30 -3.03 -1.28
N ALA B 561 18.90 -1.75 -1.27
CA ALA B 561 17.52 -1.36 -1.06
C ALA B 561 16.94 -0.66 -2.29
N GLU B 562 17.58 0.41 -2.74
CA GLU B 562 17.14 1.12 -3.94
C GLU B 562 18.12 0.85 -5.06
N PRO B 563 17.69 0.35 -6.22
CA PRO B 563 18.66 -0.01 -7.26
C PRO B 563 19.57 1.15 -7.62
N LYS B 564 20.86 0.86 -7.78
CA LYS B 564 21.81 1.92 -8.12
C LYS B 564 22.06 2.02 -9.63
N GLN B 565 22.13 0.88 -10.31
CA GLN B 565 22.46 0.85 -11.73
C GLN B 565 21.26 0.38 -12.53
N GLY B 566 21.15 0.88 -13.76
CA GLY B 566 20.08 0.47 -14.65
C GLY B 566 20.49 0.68 -16.08
N ARG B 567 19.65 0.21 -16.99
CA ARG B 567 19.95 0.28 -18.41
C ARG B 567 18.72 0.70 -19.21
N ILE B 568 18.98 1.38 -20.31
CA ILE B 568 17.98 1.65 -21.34
C ILE B 568 18.49 1.02 -22.63
N VAL B 569 17.81 -0.02 -23.09
CA VAL B 569 18.25 -0.80 -24.23
C VAL B 569 17.33 -0.51 -25.41
N VAL B 570 17.86 -0.60 -26.62
CA VAL B 570 17.10 -0.34 -27.84
C VAL B 570 17.30 -1.52 -28.79
N PHE B 571 16.22 -2.24 -29.07
CA PHE B 571 16.23 -3.38 -29.96
C PHE B 571 15.53 -3.03 -31.27
N GLN B 572 15.99 -3.64 -32.36
CA GLN B 572 15.34 -3.52 -33.66
C GLN B 572 14.97 -4.91 -34.12
N TYR B 573 13.69 -5.11 -34.43
CA TYR B 573 13.20 -6.40 -34.88
C TYR B 573 12.96 -6.32 -36.39
N SER B 574 13.86 -6.93 -37.16
CA SER B 574 13.71 -7.01 -38.60
C SER B 574 14.41 -8.27 -39.08
N ASP B 575 13.91 -8.83 -40.18
CA ASP B 575 14.50 -10.02 -40.78
C ASP B 575 14.49 -11.20 -39.82
N GLY B 576 13.52 -11.24 -38.91
CA GLY B 576 13.41 -12.34 -37.99
C GLY B 576 14.41 -12.34 -36.86
N LYS B 577 15.17 -11.28 -36.68
CA LYS B 577 16.17 -11.19 -35.64
C LYS B 577 15.93 -9.97 -34.77
N LEU B 578 16.33 -10.06 -33.51
CA LEU B 578 16.20 -8.97 -32.54
C LEU B 578 17.62 -8.61 -32.09
N GLN B 579 18.18 -7.59 -32.71
CA GLN B 579 19.54 -7.15 -32.42
C GLN B 579 19.51 -5.86 -31.60
N THR B 580 20.44 -5.78 -30.65
CA THR B 580 20.55 -4.60 -29.79
C THR B 580 21.26 -3.50 -30.55
N VAL B 581 20.58 -2.38 -30.78
CA VAL B 581 21.16 -1.28 -31.54
C VAL B 581 21.93 -0.34 -30.64
N ALA B 582 21.35 0.07 -29.51
CA ALA B 582 21.98 1.02 -28.61
C ALA B 582 21.69 0.61 -27.18
N GLU B 583 22.55 1.07 -26.28
CA GLU B 583 22.47 0.69 -24.88
C GLU B 583 23.04 1.82 -24.03
N LYS B 584 22.27 2.26 -23.04
CA LYS B 584 22.66 3.35 -22.16
C LYS B 584 22.72 2.86 -20.72
N GLU B 585 23.83 3.15 -20.05
CA GLU B 585 23.99 2.90 -18.63
C GLU B 585 23.52 4.12 -17.84
N VAL B 586 22.72 3.89 -16.80
CA VAL B 586 22.20 4.96 -15.98
C VAL B 586 22.37 4.60 -14.51
N LYS B 587 22.39 5.62 -13.66
CA LYS B 587 22.57 5.43 -12.22
C LYS B 587 21.23 5.43 -11.51
N GLY B 588 20.42 4.43 -11.82
CA GLY B 588 19.12 4.29 -11.18
C GLY B 588 18.27 3.28 -11.90
N ALA B 589 17.03 3.16 -11.44
CA ALA B 589 16.05 2.27 -12.04
C ALA B 589 15.15 3.05 -12.99
N VAL B 590 14.96 2.51 -14.20
CA VAL B 590 14.17 3.18 -15.23
C VAL B 590 12.74 2.66 -15.08
N TYR B 591 11.95 3.35 -14.25
CA TYR B 591 10.61 2.87 -13.95
C TYR B 591 9.65 3.04 -15.12
N SER B 592 9.68 4.19 -15.78
CA SER B 592 8.73 4.47 -16.84
C SER B 592 9.42 5.18 -17.99
N MET B 593 8.86 5.01 -19.18
CA MET B 593 9.45 5.58 -20.39
C MET B 593 8.34 5.96 -21.35
N VAL B 594 8.53 7.07 -22.05
CA VAL B 594 7.52 7.61 -22.96
C VAL B 594 8.21 8.15 -24.20
N GLU B 595 7.48 8.20 -25.31
CA GLU B 595 7.96 8.82 -26.53
C GLU B 595 7.47 10.26 -26.57
N PHE B 596 8.37 11.20 -26.29
CA PHE B 596 8.04 12.61 -26.16
C PHE B 596 8.50 13.33 -27.42
N ASN B 597 7.60 13.47 -28.38
CA ASN B 597 7.85 14.23 -29.60
C ASN B 597 9.20 13.88 -30.22
N GLY B 598 9.37 12.60 -30.53
CA GLY B 598 10.59 12.15 -31.15
C GLY B 598 11.79 12.10 -30.22
N LYS B 599 11.57 12.05 -28.92
CA LYS B 599 12.62 11.90 -27.94
C LYS B 599 12.18 10.84 -26.94
N LEU B 600 13.08 10.40 -26.07
CA LEU B 600 12.78 9.36 -25.11
C LEU B 600 12.78 9.98 -23.72
N LEU B 601 11.62 10.01 -23.09
CA LEU B 601 11.51 10.51 -21.72
C LEU B 601 11.63 9.34 -20.77
N ALA B 602 12.63 9.38 -19.89
CA ALA B 602 12.91 8.28 -18.98
C ALA B 602 12.81 8.77 -17.54
N SER B 603 12.47 7.87 -16.64
CA SER B 603 12.31 8.17 -15.22
C SER B 603 13.40 7.44 -14.45
N ILE B 604 14.55 8.07 -14.32
CA ILE B 604 15.71 7.46 -13.65
C ILE B 604 15.59 7.76 -12.16
N ASN B 605 15.07 6.81 -11.40
CA ASN B 605 14.87 6.99 -9.96
C ASN B 605 14.01 8.23 -9.78
N SER B 606 14.42 9.22 -8.99
CA SER B 606 13.67 10.46 -8.85
C SER B 606 14.25 11.51 -9.80
N THR B 607 13.95 11.32 -11.08
CA THR B 607 14.49 12.21 -12.12
C THR B 607 13.78 11.92 -13.42
N VAL B 608 13.46 12.97 -14.16
CA VAL B 608 12.93 12.87 -15.52
C VAL B 608 14.02 13.35 -16.46
N ARG B 609 14.46 12.48 -17.35
CA ARG B 609 15.57 12.76 -18.26
C ARG B 609 15.09 12.64 -19.69
N LEU B 610 15.58 13.51 -20.57
CA LEU B 610 15.16 13.53 -21.96
C LEU B 610 16.34 13.15 -22.85
N TYR B 611 16.16 12.10 -23.65
CA TYR B 611 17.20 11.59 -24.54
C TYR B 611 16.83 11.90 -25.97
N GLU B 612 17.73 12.56 -26.69
CA GLU B 612 17.60 12.71 -28.13
C GLU B 612 18.33 11.58 -28.82
N TRP B 613 17.90 11.26 -30.04
CA TRP B 613 18.45 10.15 -30.81
C TRP B 613 19.41 10.73 -31.85
N THR B 614 20.70 10.73 -31.54
CA THR B 614 21.68 11.30 -32.44
C THR B 614 21.79 10.47 -33.71
N THR B 615 22.36 11.08 -34.75
CA THR B 615 22.48 10.40 -36.03
C THR B 615 23.36 9.17 -35.95
N GLU B 616 24.18 9.05 -34.90
CA GLU B 616 25.06 7.90 -34.71
C GLU B 616 24.38 6.75 -33.97
N LYS B 617 23.08 6.87 -33.71
CA LYS B 617 22.32 5.83 -33.02
C LYS B 617 22.86 5.59 -31.60
N GLU B 618 22.81 6.65 -30.80
CA GLU B 618 23.14 6.56 -29.38
C GLU B 618 22.28 7.56 -28.63
N LEU B 619 21.60 7.08 -27.59
CA LEU B 619 20.82 7.99 -26.76
C LEU B 619 21.74 9.02 -26.14
N ARG B 620 21.33 10.28 -26.18
CA ARG B 620 22.14 11.38 -25.69
C ARG B 620 21.28 12.28 -24.81
N THR B 621 21.80 12.63 -23.64
CA THR B 621 21.04 13.46 -22.71
C THR B 621 20.81 14.85 -23.30
N GLU B 622 19.64 15.40 -23.05
CA GLU B 622 19.31 16.77 -23.42
C GLU B 622 18.95 17.64 -22.23
N CYS B 623 18.13 17.11 -21.31
CA CYS B 623 17.77 17.86 -20.11
C CYS B 623 17.40 16.88 -19.01
N ASN B 624 17.51 17.36 -17.78
CA ASN B 624 17.11 16.59 -16.60
C ASN B 624 16.28 17.50 -15.70
N HIS B 625 15.46 16.88 -14.86
CA HIS B 625 14.68 17.64 -13.88
C HIS B 625 14.59 16.80 -12.62
N TYR B 626 15.40 17.13 -11.63
CA TYR B 626 15.37 16.45 -10.34
C TYR B 626 14.13 16.89 -9.58
N ASN B 627 13.10 16.05 -9.56
CA ASN B 627 11.79 16.44 -9.06
C ASN B 627 11.44 15.75 -7.74
N ASN B 628 12.43 15.48 -6.91
CA ASN B 628 12.16 15.06 -5.54
C ASN B 628 11.53 13.67 -5.46
N ILE B 629 10.29 13.55 -5.94
CA ILE B 629 9.55 12.30 -5.87
C ILE B 629 10.12 11.30 -6.87
N MET B 630 9.73 10.02 -6.75
CA MET B 630 10.11 9.01 -7.71
C MET B 630 9.10 9.01 -8.85
N ALA B 631 9.56 9.28 -10.07
CA ALA B 631 8.66 9.39 -11.21
C ALA B 631 8.29 7.98 -11.69
N LEU B 632 7.44 7.32 -10.92
CA LEU B 632 6.95 6.00 -11.30
C LEU B 632 5.99 6.08 -12.48
N TYR B 633 5.01 6.97 -12.41
CA TYR B 633 3.99 7.11 -13.45
C TYR B 633 4.32 8.32 -14.30
N LEU B 634 4.61 8.08 -15.58
CA LEU B 634 4.95 9.12 -16.53
C LEU B 634 3.95 9.08 -17.68
N LYS B 635 3.33 10.21 -17.97
CA LYS B 635 2.40 10.31 -19.09
C LYS B 635 2.65 11.61 -19.83
N THR B 636 2.29 11.63 -21.11
CA THR B 636 2.59 12.75 -21.98
C THR B 636 1.37 13.13 -22.80
N LYS B 637 1.23 14.42 -23.09
CA LYS B 637 0.25 14.86 -24.07
C LYS B 637 0.65 16.24 -24.57
N GLY B 638 0.82 16.38 -25.88
CA GLY B 638 1.28 17.64 -26.43
C GLY B 638 2.66 17.98 -25.90
N ASP B 639 2.72 18.97 -25.01
CA ASP B 639 3.97 19.33 -24.34
C ASP B 639 3.92 19.07 -22.85
N PHE B 640 2.76 18.70 -22.30
CA PHE B 640 2.60 18.54 -20.87
C PHE B 640 2.95 17.13 -20.44
N ILE B 641 3.64 17.03 -19.31
CA ILE B 641 4.10 15.76 -18.76
C ILE B 641 3.51 15.61 -17.37
N LEU B 642 2.90 14.47 -17.11
CA LEU B 642 2.34 14.14 -15.81
C LEU B 642 3.26 13.13 -15.13
N VAL B 643 3.71 13.45 -13.91
CA VAL B 643 4.64 12.63 -13.15
C VAL B 643 4.01 12.31 -11.81
N GLY B 644 4.14 11.08 -11.37
CA GLY B 644 3.60 10.71 -10.06
C GLY B 644 4.38 9.57 -9.46
N ASP B 645 4.32 9.47 -8.13
CA ASP B 645 4.86 8.34 -7.42
C ASP B 645 3.71 7.55 -6.79
N LEU B 646 4.06 6.52 -6.02
CA LEU B 646 3.03 5.64 -5.50
C LEU B 646 2.07 6.38 -4.59
N MET B 647 2.58 7.27 -3.75
CA MET B 647 1.75 7.99 -2.78
C MET B 647 1.23 9.29 -3.42
N ARG B 648 0.29 9.10 -4.35
CA ARG B 648 -0.34 10.23 -5.03
C ARG B 648 0.73 11.18 -5.55
N SER B 649 0.79 12.40 -5.04
CA SER B 649 1.86 13.33 -5.39
C SER B 649 1.96 13.51 -6.91
N VAL B 650 0.90 14.03 -7.49
CA VAL B 650 0.91 14.36 -8.91
C VAL B 650 1.74 15.61 -9.14
N LEU B 651 2.32 15.73 -10.32
CA LEU B 651 3.21 16.83 -10.63
C LEU B 651 3.19 17.04 -12.15
N LEU B 652 2.68 18.17 -12.60
CA LEU B 652 2.56 18.46 -14.01
C LEU B 652 3.66 19.42 -14.43
N LEU B 653 4.47 19.01 -15.40
CA LEU B 653 5.54 19.80 -15.97
C LEU B 653 5.20 20.17 -17.41
N ALA B 654 5.93 21.14 -17.95
CA ALA B 654 5.84 21.50 -19.35
C ALA B 654 7.24 21.70 -19.90
N TYR B 655 7.51 21.15 -21.07
CA TYR B 655 8.83 21.23 -21.66
C TYR B 655 8.94 22.50 -22.49
N LYS B 656 9.58 23.52 -21.93
CA LYS B 656 9.77 24.78 -22.64
C LYS B 656 10.65 24.54 -23.87
N PRO B 657 10.12 24.59 -25.09
CA PRO B 657 10.95 24.23 -26.25
C PRO B 657 12.16 25.13 -26.43
N MET B 658 11.94 26.46 -26.48
CA MET B 658 13.03 27.36 -26.78
C MET B 658 14.14 27.26 -25.73
N GLU B 659 13.77 27.21 -24.45
CA GLU B 659 14.79 27.10 -23.41
C GLU B 659 15.43 25.71 -23.42
N GLY B 660 14.63 24.67 -23.59
CA GLY B 660 15.14 23.32 -23.60
C GLY B 660 15.21 22.64 -22.25
N ASN B 661 14.49 23.13 -21.25
CA ASN B 661 14.46 22.51 -19.93
C ASN B 661 13.04 22.55 -19.40
N PHE B 662 12.72 21.55 -18.58
CA PHE B 662 11.38 21.46 -18.01
C PHE B 662 11.14 22.56 -16.99
N GLU B 663 9.91 23.02 -16.91
CA GLU B 663 9.47 23.94 -15.86
C GLU B 663 8.23 23.37 -15.20
N GLU B 664 8.22 23.36 -13.88
CA GLU B 664 7.07 22.85 -13.15
C GLU B 664 5.87 23.76 -13.36
N ILE B 665 4.71 23.15 -13.60
CA ILE B 665 3.48 23.89 -13.88
C ILE B 665 2.47 23.73 -12.76
N ALA B 666 2.39 22.54 -12.16
CA ALA B 666 1.45 22.34 -11.07
C ALA B 666 1.90 21.14 -10.25
N ARG B 667 1.36 21.04 -9.04
CA ARG B 667 1.70 19.89 -8.20
C ARG B 667 0.62 19.74 -7.13
N ASP B 668 0.39 18.49 -6.73
CA ASP B 668 -0.61 18.18 -5.71
C ASP B 668 -0.12 16.98 -4.91
N PHE B 669 0.22 17.21 -3.65
CA PHE B 669 0.75 16.17 -2.77
C PHE B 669 -0.33 15.83 -1.74
N ASN B 670 -0.97 14.69 -1.92
CA ASN B 670 -2.02 14.22 -1.01
C ASN B 670 -1.75 12.78 -0.65
N PRO B 671 -0.98 12.50 0.40
CA PRO B 671 -0.52 11.12 0.64
C PRO B 671 -1.64 10.09 0.59
N ASN B 672 -1.59 9.22 -0.42
CA ASN B 672 -2.55 8.14 -0.61
C ASN B 672 -2.04 7.28 -1.76
N TRP B 673 -2.14 5.96 -1.60
CA TRP B 673 -1.61 5.05 -2.61
C TRP B 673 -2.36 5.19 -3.92
N MET B 674 -1.65 5.15 -5.04
CA MET B 674 -2.29 5.09 -6.35
C MET B 674 -2.00 3.76 -7.02
N SER B 675 -2.79 3.46 -8.05
CA SER B 675 -2.59 2.30 -8.90
C SER B 675 -2.12 2.70 -10.29
N ALA B 676 -2.74 3.72 -10.89
CA ALA B 676 -2.27 4.24 -12.17
C ALA B 676 -2.88 5.62 -12.39
N VAL B 677 -2.26 6.37 -13.29
CA VAL B 677 -2.72 7.70 -13.67
C VAL B 677 -2.69 7.82 -15.18
N GLU B 678 -3.45 8.79 -15.69
CA GLU B 678 -3.59 8.99 -17.12
C GLU B 678 -4.08 10.41 -17.34
N ILE B 679 -3.87 10.92 -18.56
CA ILE B 679 -4.29 12.26 -18.94
C ILE B 679 -5.50 12.12 -19.86
N LEU B 680 -6.62 12.73 -19.47
CA LEU B 680 -7.82 12.72 -20.32
C LEU B 680 -7.76 13.77 -21.40
N ASP B 681 -7.31 14.97 -21.08
CA ASP B 681 -7.16 16.04 -22.05
C ASP B 681 -6.13 17.02 -21.51
N ASP B 682 -6.06 18.22 -22.11
CA ASP B 682 -5.04 19.17 -21.70
C ASP B 682 -5.18 19.55 -20.23
N ASP B 683 -6.40 19.54 -19.70
CA ASP B 683 -6.67 20.09 -18.37
C ASP B 683 -7.11 19.06 -17.34
N ASN B 684 -7.54 17.87 -17.77
CA ASN B 684 -8.10 16.88 -16.86
C ASN B 684 -7.19 15.66 -16.78
N PHE B 685 -6.86 15.24 -15.56
CA PHE B 685 -6.09 14.03 -15.32
C PHE B 685 -6.91 13.09 -14.44
N LEU B 686 -6.77 11.79 -14.68
CA LEU B 686 -7.60 10.79 -14.04
C LEU B 686 -6.69 9.71 -13.45
N GLY B 687 -6.94 9.34 -12.20
CA GLY B 687 -6.14 8.32 -11.55
C GLY B 687 -6.98 7.47 -10.62
N ALA B 688 -6.31 6.51 -9.98
CA ALA B 688 -6.96 5.61 -9.03
C ALA B 688 -6.26 5.77 -7.67
N GLU B 689 -7.05 6.12 -6.66
CA GLU B 689 -6.54 6.27 -5.31
C GLU B 689 -6.67 4.95 -4.57
N ASN B 690 -6.45 4.97 -3.26
CA ASN B 690 -6.51 3.75 -2.45
C ASN B 690 -7.95 3.35 -2.19
N ALA B 691 -8.13 2.11 -1.74
CA ALA B 691 -9.44 1.58 -1.39
C ALA B 691 -10.37 1.57 -2.59
N PHE B 692 -9.82 1.28 -3.77
CA PHE B 692 -10.62 1.07 -4.97
C PHE B 692 -11.43 2.32 -5.31
N ASN B 693 -10.74 3.40 -5.63
CA ASN B 693 -11.38 4.68 -5.93
C ASN B 693 -10.80 5.27 -7.20
N LEU B 694 -11.64 5.98 -7.94
CA LEU B 694 -11.21 6.80 -9.07
C LEU B 694 -11.24 8.26 -8.64
N PHE B 695 -10.40 9.07 -9.27
CA PHE B 695 -10.35 10.49 -8.96
C PHE B 695 -9.93 11.26 -10.21
N VAL B 696 -10.29 12.54 -10.26
CA VAL B 696 -9.97 13.42 -11.38
C VAL B 696 -9.46 14.74 -10.83
N CYS B 697 -8.29 15.15 -11.29
CA CYS B 697 -7.72 16.46 -10.99
C CYS B 697 -7.82 17.34 -12.23
N GLN B 698 -7.87 18.66 -11.99
CA GLN B 698 -8.11 19.62 -13.05
C GLN B 698 -7.18 20.81 -12.87
N LYS B 699 -6.26 20.99 -13.80
CA LYS B 699 -5.45 22.21 -13.82
C LYS B 699 -6.33 23.41 -14.14
N ASP B 700 -6.06 24.52 -13.46
CA ASP B 700 -6.84 25.73 -13.66
C ASP B 700 -6.65 26.26 -15.09
N THR B 704 -5.94 34.84 -12.16
CA THR B 704 -5.97 34.66 -10.72
C THR B 704 -4.57 34.61 -10.13
N THR B 705 -4.47 34.21 -8.86
CA THR B 705 -3.17 34.18 -8.20
C THR B 705 -2.34 33.00 -8.72
N ASP B 706 -1.03 33.06 -8.43
CA ASP B 706 -0.16 31.95 -8.81
C ASP B 706 -0.51 30.69 -8.06
N GLU B 707 -0.85 30.80 -6.78
CA GLU B 707 -1.18 29.61 -6.01
C GLU B 707 -2.35 28.85 -6.63
N GLU B 708 -3.35 29.57 -7.12
CA GLU B 708 -4.47 28.90 -7.76
C GLU B 708 -4.05 28.29 -9.09
N ARG B 709 -3.07 28.88 -9.76
CA ARG B 709 -2.56 28.32 -11.01
C ARG B 709 -1.55 27.21 -10.81
N GLN B 710 -1.25 26.84 -9.56
CA GLN B 710 -0.33 25.74 -9.27
C GLN B 710 -0.92 24.80 -8.23
N HIS B 711 -2.20 24.45 -8.40
CA HIS B 711 -2.87 23.53 -7.48
C HIS B 711 -3.91 22.75 -8.28
N LEU B 712 -3.72 21.44 -8.37
CA LEU B 712 -4.59 20.58 -9.17
C LEU B 712 -5.74 20.11 -8.28
N GLN B 713 -6.79 20.92 -8.21
CA GLN B 713 -7.92 20.58 -7.36
C GLN B 713 -8.62 19.33 -7.87
N GLU B 714 -9.12 18.51 -6.95
CA GLU B 714 -9.92 17.35 -7.31
C GLU B 714 -11.33 17.79 -7.62
N VAL B 715 -11.81 17.42 -8.80
CA VAL B 715 -13.13 17.83 -9.27
C VAL B 715 -13.95 16.60 -9.61
N GLY B 716 -13.69 15.49 -8.92
CA GLY B 716 -14.47 14.29 -9.11
C GLY B 716 -13.89 13.08 -8.40
N LEU B 717 -14.76 12.29 -7.77
CA LEU B 717 -14.36 11.09 -7.07
C LEU B 717 -15.38 9.99 -7.34
N PHE B 718 -14.96 8.74 -7.19
CA PHE B 718 -15.82 7.63 -7.53
C PHE B 718 -15.23 6.36 -6.94
N HIS B 719 -16.07 5.57 -6.26
CA HIS B 719 -15.65 4.30 -5.69
C HIS B 719 -15.93 3.21 -6.72
N LEU B 720 -14.99 3.02 -7.65
CA LEU B 720 -15.18 2.03 -8.70
C LEU B 720 -15.33 0.62 -8.14
N GLY B 721 -14.67 0.33 -7.02
CA GLY B 721 -14.78 -0.98 -6.42
C GLY B 721 -13.78 -1.99 -6.92
N GLU B 722 -12.71 -1.55 -7.56
CA GLU B 722 -11.69 -2.46 -8.07
C GLU B 722 -10.34 -1.76 -8.11
N PHE B 723 -9.28 -2.56 -8.23
CA PHE B 723 -7.93 -2.06 -8.39
C PHE B 723 -7.67 -1.86 -9.87
N VAL B 724 -7.25 -0.65 -10.25
CA VAL B 724 -7.10 -0.28 -11.65
C VAL B 724 -5.60 -0.26 -11.96
N ASN B 725 -5.11 -1.29 -12.64
CA ASN B 725 -3.68 -1.37 -12.91
C ASN B 725 -3.26 -0.40 -14.01
N VAL B 726 -4.05 -0.28 -15.07
CA VAL B 726 -3.58 0.41 -16.27
C VAL B 726 -4.75 1.08 -16.97
N PHE B 727 -4.48 2.28 -17.48
CA PHE B 727 -5.39 3.02 -18.35
C PHE B 727 -4.79 3.06 -19.75
N CYS B 728 -5.65 3.15 -20.76
CA CYS B 728 -5.17 3.24 -22.13
C CYS B 728 -6.25 3.88 -23.00
N HIS B 729 -5.82 4.77 -23.89
CA HIS B 729 -6.76 5.39 -24.81
C HIS B 729 -7.22 4.39 -25.86
N GLY B 730 -8.42 4.63 -26.38
CA GLY B 730 -8.97 3.79 -27.44
C GLY B 730 -10.32 3.24 -27.05
N SER B 731 -11.15 3.01 -28.05
CA SER B 731 -12.48 2.45 -27.87
C SER B 731 -12.66 1.23 -28.76
N LEU B 732 -13.52 0.32 -28.33
CA LEU B 732 -13.69 -0.96 -29.00
C LEU B 732 -14.83 -0.96 -30.01
N VAL B 733 -15.51 0.16 -30.21
CA VAL B 733 -16.63 0.23 -31.15
C VAL B 733 -16.37 1.28 -32.20
N THR B 744 -20.10 12.55 -26.03
CA THR B 744 -18.99 11.90 -25.34
C THR B 744 -17.71 11.98 -26.16
N GLN B 745 -16.72 12.70 -25.65
CA GLN B 745 -15.44 12.90 -26.32
C GLN B 745 -14.38 12.07 -25.62
N GLY B 746 -13.67 11.24 -26.38
CA GLY B 746 -12.63 10.40 -25.81
C GLY B 746 -13.19 9.16 -25.17
N SER B 747 -12.32 8.15 -25.02
CA SER B 747 -12.72 6.90 -24.40
C SER B 747 -11.46 6.25 -23.83
N VAL B 748 -11.28 6.35 -22.53
CA VAL B 748 -10.15 5.77 -21.84
C VAL B 748 -10.59 4.45 -21.24
N LEU B 749 -10.10 3.34 -21.78
CA LEU B 749 -10.33 2.04 -21.18
C LEU B 749 -9.40 1.87 -19.99
N PHE B 750 -9.78 0.99 -19.08
CA PHE B 750 -8.89 0.66 -17.98
C PHE B 750 -9.11 -0.78 -17.54
N GLY B 751 -8.00 -1.46 -17.26
CA GLY B 751 -8.04 -2.81 -16.75
C GLY B 751 -8.14 -2.82 -15.23
N THR B 752 -8.23 -4.02 -14.66
CA THR B 752 -8.35 -4.15 -13.22
C THR B 752 -7.79 -5.49 -12.77
N VAL B 753 -7.66 -5.63 -11.45
CA VAL B 753 -7.16 -6.88 -10.88
C VAL B 753 -8.19 -7.98 -10.99
N ASN B 754 -9.46 -7.68 -10.74
CA ASN B 754 -10.51 -8.68 -10.85
C ASN B 754 -10.77 -9.10 -12.28
N GLY B 755 -10.22 -8.40 -13.26
CA GLY B 755 -10.46 -8.69 -14.65
C GLY B 755 -11.49 -7.81 -15.30
N MET B 756 -12.16 -6.94 -14.55
CA MET B 756 -13.13 -6.04 -15.16
C MET B 756 -12.43 -5.02 -16.02
N ILE B 757 -12.97 -4.78 -17.21
CA ILE B 757 -12.50 -3.74 -18.12
C ILE B 757 -13.56 -2.65 -18.15
N GLY B 758 -13.16 -1.43 -17.81
CA GLY B 758 -14.07 -0.31 -17.75
C GLY B 758 -13.71 0.74 -18.78
N LEU B 759 -14.61 1.70 -18.95
CA LEU B 759 -14.46 2.71 -19.98
C LEU B 759 -14.96 4.03 -19.45
N VAL B 760 -14.17 5.09 -19.65
CA VAL B 760 -14.48 6.43 -19.16
C VAL B 760 -14.56 7.36 -20.36
N THR B 761 -15.61 8.17 -20.41
CA THR B 761 -15.77 9.18 -21.45
C THR B 761 -16.10 10.52 -20.82
N SER B 762 -15.96 11.58 -21.60
CA SER B 762 -16.16 12.94 -21.13
C SER B 762 -17.48 13.47 -21.67
N LEU B 763 -18.45 13.66 -20.77
CA LEU B 763 -19.76 14.13 -21.16
C LEU B 763 -19.78 15.65 -21.29
N SER B 764 -20.85 16.16 -21.89
CA SER B 764 -21.11 17.59 -21.91
C SER B 764 -21.97 17.95 -20.72
N GLU B 765 -21.88 19.21 -20.27
CA GLU B 765 -22.57 19.63 -19.06
C GLU B 765 -24.05 19.28 -19.09
N SER B 766 -24.73 19.56 -20.20
CA SER B 766 -26.17 19.34 -20.26
C SER B 766 -26.51 17.87 -20.06
N TRP B 767 -25.85 16.98 -20.82
CA TRP B 767 -26.08 15.56 -20.62
C TRP B 767 -25.68 15.12 -19.22
N TYR B 768 -24.63 15.70 -18.66
CA TYR B 768 -24.22 15.28 -17.33
C TYR B 768 -25.30 15.60 -16.31
N ASN B 769 -25.87 16.81 -16.38
CA ASN B 769 -26.98 17.13 -15.49
C ASN B 769 -28.16 16.21 -15.72
N LEU B 770 -28.51 15.98 -17.00
CA LEU B 770 -29.65 15.13 -17.30
C LEU B 770 -29.46 13.73 -16.71
N LEU B 771 -28.30 13.14 -16.92
CA LEU B 771 -28.03 11.79 -16.44
C LEU B 771 -27.91 11.73 -14.93
N LEU B 772 -27.34 12.76 -14.29
CA LEU B 772 -27.32 12.76 -12.84
C LEU B 772 -28.72 12.81 -12.27
N ASP B 773 -29.61 13.62 -12.85
CA ASP B 773 -30.99 13.65 -12.38
C ASP B 773 -31.67 12.30 -12.64
N MET B 774 -31.42 11.71 -13.80
CA MET B 774 -32.02 10.42 -14.12
C MET B 774 -31.56 9.35 -13.14
N GLN B 775 -30.28 9.36 -12.79
CA GLN B 775 -29.76 8.48 -11.74
C GLN B 775 -30.51 8.70 -10.44
N ASN B 776 -30.40 9.92 -9.88
CA ASN B 776 -31.09 10.23 -8.62
C ASN B 776 -32.54 9.75 -8.65
N ARG B 777 -33.18 9.77 -9.82
CA ARG B 777 -34.55 9.26 -9.92
C ARG B 777 -34.57 7.73 -9.87
N LEU B 778 -33.65 7.08 -10.58
CA LEU B 778 -33.62 5.63 -10.60
C LEU B 778 -33.42 5.07 -9.21
N ASN B 779 -32.51 5.66 -8.44
CA ASN B 779 -32.20 5.16 -7.11
C ASN B 779 -33.44 5.09 -6.22
N LYS B 780 -34.55 5.73 -6.61
CA LYS B 780 -35.79 5.63 -5.86
C LYS B 780 -36.75 4.60 -6.43
N VAL B 781 -36.35 3.87 -7.48
CA VAL B 781 -37.22 2.88 -8.10
C VAL B 781 -36.55 1.52 -8.09
N ILE B 782 -35.39 1.42 -8.73
CA ILE B 782 -34.69 0.15 -8.82
C ILE B 782 -34.35 -0.34 -7.41
N LYS B 783 -34.56 -1.63 -7.17
CA LYS B 783 -34.30 -2.24 -5.88
C LYS B 783 -33.01 -3.07 -5.94
N SER B 784 -32.05 -2.73 -5.11
CA SER B 784 -30.77 -3.43 -5.08
C SER B 784 -30.83 -4.56 -4.06
N VAL B 785 -30.01 -5.59 -4.31
CA VAL B 785 -30.00 -6.76 -3.42
C VAL B 785 -29.42 -6.35 -2.07
N GLY B 786 -30.15 -6.63 -1.01
CA GLY B 786 -29.72 -6.25 0.31
C GLY B 786 -30.02 -4.82 0.69
N LYS B 787 -30.68 -4.06 -0.18
CA LYS B 787 -31.08 -2.69 0.11
C LYS B 787 -29.88 -1.83 0.51
N ILE B 788 -28.95 -1.69 -0.42
CA ILE B 788 -27.75 -0.88 -0.24
C ILE B 788 -27.93 0.39 -1.05
N GLU B 789 -27.95 1.54 -0.36
CA GLU B 789 -28.12 2.80 -1.07
C GLU B 789 -27.00 2.98 -2.07
N HIS B 790 -27.36 3.38 -3.30
CA HIS B 790 -26.36 3.51 -4.35
C HIS B 790 -25.33 4.57 -3.99
N SER B 791 -25.77 5.69 -3.43
CA SER B 791 -24.83 6.74 -3.06
C SER B 791 -23.87 6.26 -1.99
N PHE B 792 -24.26 5.26 -1.19
CA PHE B 792 -23.34 4.69 -0.23
C PHE B 792 -22.27 3.85 -0.92
N TRP B 793 -22.67 3.03 -1.89
CA TRP B 793 -21.70 2.18 -2.58
C TRP B 793 -20.77 3.00 -3.45
N ARG B 794 -21.22 4.13 -3.98
CA ARG B 794 -20.36 4.97 -4.81
C ARG B 794 -19.69 6.08 -4.02
N SER B 795 -19.84 6.14 -2.71
CA SER B 795 -19.15 7.16 -1.93
C SER B 795 -17.66 6.86 -1.91
N PHE B 796 -16.86 7.92 -1.92
CA PHE B 796 -15.42 7.76 -1.79
C PHE B 796 -15.11 7.06 -0.47
N HIS B 797 -13.97 6.37 -0.42
CA HIS B 797 -13.65 5.54 0.73
C HIS B 797 -12.14 5.46 0.91
N THR B 798 -11.67 5.67 2.14
CA THR B 798 -10.25 5.63 2.46
C THR B 798 -10.02 4.93 3.80
N GLU B 799 -10.93 4.02 4.16
CA GLU B 799 -10.80 3.15 5.33
C GLU B 799 -11.09 3.86 6.65
N ARG B 800 -11.17 5.19 6.66
CA ARG B 800 -11.76 5.88 7.80
C ARG B 800 -12.49 7.15 7.38
N LYS B 801 -12.87 7.27 6.11
CA LYS B 801 -13.40 8.53 5.61
C LYS B 801 -14.20 8.27 4.35
N THR B 802 -15.21 9.11 4.12
CA THR B 802 -16.06 8.97 2.95
C THR B 802 -16.50 10.35 2.48
N GLU B 803 -16.53 10.52 1.15
CA GLU B 803 -17.06 11.71 0.52
C GLU B 803 -17.98 11.30 -0.63
N PRO B 804 -19.06 12.03 -0.87
CA PRO B 804 -19.95 11.67 -1.97
C PRO B 804 -19.25 11.78 -3.31
N ALA B 805 -19.63 10.90 -4.23
CA ALA B 805 -19.10 10.94 -5.59
C ALA B 805 -19.58 12.19 -6.30
N THR B 806 -18.67 12.82 -7.05
CA THR B 806 -19.01 14.01 -7.83
C THR B 806 -18.37 13.88 -9.20
N GLY B 807 -19.05 14.42 -10.21
CA GLY B 807 -18.50 14.41 -11.54
C GLY B 807 -18.31 13.04 -12.14
N PHE B 808 -19.12 12.06 -11.76
CA PHE B 808 -19.03 10.71 -12.29
C PHE B 808 -20.43 10.13 -12.36
N ILE B 809 -20.85 9.71 -13.54
CA ILE B 809 -22.17 9.13 -13.76
C ILE B 809 -21.99 7.62 -13.84
N ASP B 810 -22.56 6.91 -12.87
CA ASP B 810 -22.44 5.45 -12.84
C ASP B 810 -23.14 4.86 -14.05
N GLY B 811 -22.37 4.25 -14.96
CA GLY B 811 -22.93 3.80 -16.21
C GLY B 811 -23.83 2.59 -16.09
N ASP B 812 -23.52 1.69 -15.15
CA ASP B 812 -24.34 0.49 -14.98
C ASP B 812 -25.75 0.85 -14.54
N LEU B 813 -25.88 1.79 -13.60
CA LEU B 813 -27.20 2.21 -13.14
C LEU B 813 -28.01 2.79 -14.29
N ILE B 814 -27.40 3.64 -15.11
CA ILE B 814 -28.12 4.25 -16.22
C ILE B 814 -28.52 3.19 -17.23
N GLU B 815 -27.58 2.35 -17.64
CA GLU B 815 -27.87 1.32 -18.63
C GLU B 815 -28.93 0.34 -18.14
N SER B 816 -29.06 0.19 -16.83
CA SER B 816 -30.12 -0.65 -16.29
C SER B 816 -31.51 -0.06 -16.52
N PHE B 817 -31.58 1.21 -16.95
CA PHE B 817 -32.88 1.82 -17.23
C PHE B 817 -33.64 1.03 -18.29
N LEU B 818 -32.93 0.42 -19.24
CA LEU B 818 -33.61 -0.31 -20.29
C LEU B 818 -34.35 -1.52 -19.74
N ASP B 819 -33.76 -2.20 -18.76
CA ASP B 819 -34.32 -3.45 -18.27
C ASP B 819 -35.69 -3.25 -17.63
N ILE B 820 -35.84 -2.20 -16.81
CA ILE B 820 -37.10 -2.03 -16.11
C ILE B 820 -38.24 -1.85 -17.11
N SER B 821 -39.42 -2.32 -16.72
CA SER B 821 -40.57 -2.34 -17.62
C SER B 821 -41.23 -0.97 -17.69
N ARG B 822 -42.27 -0.87 -18.52
CA ARG B 822 -42.95 0.40 -18.74
C ARG B 822 -43.54 1.00 -17.47
N PRO B 823 -44.24 0.25 -16.61
CA PRO B 823 -44.83 0.91 -15.44
C PRO B 823 -43.81 1.62 -14.57
N LYS B 824 -42.62 1.04 -14.41
CA LYS B 824 -41.56 1.74 -13.67
C LYS B 824 -40.93 2.82 -14.52
N MET B 825 -40.82 2.59 -15.84
CA MET B 825 -40.31 3.62 -16.74
C MET B 825 -41.06 4.92 -16.54
N GLN B 826 -42.39 4.84 -16.49
CA GLN B 826 -43.21 6.04 -16.46
C GLN B 826 -42.94 6.86 -15.21
N GLU B 827 -42.86 6.19 -14.06
CA GLU B 827 -42.59 6.91 -12.82
C GLU B 827 -41.15 7.39 -12.74
N VAL B 828 -40.23 6.74 -13.45
CA VAL B 828 -38.86 7.24 -13.51
C VAL B 828 -38.78 8.52 -14.31
N VAL B 829 -39.50 8.58 -15.45
CA VAL B 829 -39.37 9.72 -16.35
C VAL B 829 -40.29 10.88 -15.99
N ALA B 830 -41.17 10.72 -15.02
CA ALA B 830 -42.17 11.74 -14.73
C ALA B 830 -41.50 13.07 -14.37
N ASN B 831 -41.97 14.14 -14.98
CA ASN B 831 -41.58 15.51 -14.69
C ASN B 831 -40.10 15.79 -14.94
N LEU B 832 -39.43 14.98 -15.76
CA LEU B 832 -38.02 15.18 -16.00
C LEU B 832 -37.79 16.34 -16.97
N GLN B 833 -36.75 17.13 -16.69
CA GLN B 833 -36.41 18.32 -17.46
C GLN B 833 -37.65 19.12 -17.84
N ARG B 842 -39.85 21.18 -23.58
CA ARG B 842 -40.80 20.08 -23.61
C ARG B 842 -40.44 19.03 -22.55
N GLU B 843 -41.45 18.41 -21.97
CA GLU B 843 -41.22 17.36 -20.99
C GLU B 843 -40.81 16.08 -21.70
N ALA B 844 -39.71 15.48 -21.25
CA ALA B 844 -39.22 14.27 -21.87
C ALA B 844 -40.18 13.11 -21.61
N THR B 845 -40.15 12.14 -22.52
CA THR B 845 -40.99 10.95 -22.43
C THR B 845 -40.11 9.71 -22.46
N ALA B 846 -40.74 8.57 -22.16
CA ALA B 846 -39.99 7.33 -22.07
C ALA B 846 -39.22 7.05 -23.37
N ASP B 847 -39.81 7.40 -24.52
CA ASP B 847 -39.15 7.14 -25.78
C ASP B 847 -37.86 7.94 -25.91
N ASP B 848 -37.89 9.22 -25.52
CA ASP B 848 -36.69 10.05 -25.65
C ASP B 848 -35.57 9.54 -24.75
N LEU B 849 -35.91 9.18 -23.50
CA LEU B 849 -34.89 8.64 -22.61
C LEU B 849 -34.38 7.29 -23.10
N ILE B 850 -35.26 6.48 -23.70
CA ILE B 850 -34.81 5.21 -24.25
C ILE B 850 -33.80 5.46 -25.36
N LYS B 851 -34.08 6.43 -26.23
CA LYS B 851 -33.12 6.76 -27.28
C LYS B 851 -31.81 7.27 -26.71
N VAL B 852 -31.86 8.12 -25.68
CA VAL B 852 -30.64 8.64 -25.07
C VAL B 852 -29.82 7.51 -24.47
N VAL B 853 -30.48 6.59 -23.75
CA VAL B 853 -29.77 5.48 -23.13
C VAL B 853 -29.22 4.53 -24.18
N GLU B 854 -29.92 4.37 -25.30
CA GLU B 854 -29.36 3.59 -26.40
C GLU B 854 -28.09 4.25 -26.93
N GLU B 855 -28.13 5.58 -27.08
CA GLU B 855 -26.95 6.31 -27.53
C GLU B 855 -25.79 6.09 -26.56
N LEU B 856 -26.08 6.11 -25.26
CA LEU B 856 -25.04 5.85 -24.27
C LEU B 856 -24.53 4.42 -24.35
N THR B 857 -25.42 3.46 -24.60
CA THR B 857 -25.00 2.07 -24.68
C THR B 857 -24.13 1.81 -25.90
N ARG B 858 -24.28 2.62 -26.94
CA ARG B 858 -23.53 2.39 -28.16
C ARG B 858 -22.02 2.40 -27.93
N ILE B 859 -21.54 3.23 -26.99
CA ILE B 859 -20.10 3.45 -26.89
C ILE B 859 -19.38 2.19 -26.46
N HIS B 860 -20.00 1.38 -25.59
CA HIS B 860 -19.40 0.12 -25.18
C HIS B 860 -20.22 -1.05 -25.71
N LEU C 422 37.32 39.27 30.02
CA LEU C 422 36.41 39.64 28.95
C LEU C 422 35.99 38.41 28.15
N PHE C 423 34.74 38.00 28.33
CA PHE C 423 34.21 36.78 27.73
C PHE C 423 33.06 37.11 26.79
N CYS C 424 32.96 36.33 25.72
CA CYS C 424 31.80 36.41 24.84
C CYS C 424 30.64 35.66 25.46
N PRO C 425 29.49 36.29 25.69
CA PRO C 425 28.40 35.58 26.40
C PRO C 425 27.88 34.37 25.65
N ILE C 426 28.13 34.27 24.35
CA ILE C 426 27.51 33.23 23.53
C ILE C 426 28.42 32.00 23.43
N CYS C 427 29.63 32.20 22.90
CA CYS C 427 30.48 31.08 22.54
C CYS C 427 31.63 30.82 23.49
N GLY C 428 31.95 31.76 24.38
CA GLY C 428 33.08 31.61 25.26
C GLY C 428 34.38 32.19 24.74
N PHE C 429 34.33 32.94 23.64
CA PHE C 429 35.54 33.59 23.14
C PHE C 429 36.13 34.49 24.21
N THR C 430 37.46 34.49 24.30
CA THR C 430 38.18 35.25 25.31
C THR C 430 39.08 36.28 24.64
N CYS C 431 39.24 37.42 25.30
CA CYS C 431 40.11 38.48 24.80
C CYS C 431 40.63 39.30 25.97
N ARG C 432 41.68 40.08 25.70
CA ARG C 432 42.25 40.96 26.71
C ARG C 432 41.74 42.40 26.59
N GLN C 433 41.22 42.79 25.44
CA GLN C 433 40.71 44.13 25.20
C GLN C 433 39.24 44.03 24.76
N LYS C 434 38.66 45.17 24.38
CA LYS C 434 37.25 45.23 24.03
C LYS C 434 37.00 45.06 22.54
N GLY C 435 37.76 45.77 21.70
CA GLY C 435 37.38 45.85 20.28
C GLY C 435 37.22 44.48 19.65
N ASN C 436 38.14 43.57 19.93
CA ASN C 436 38.01 42.22 19.43
C ASN C 436 36.72 41.58 19.95
N LEU C 437 36.38 41.84 21.21
CA LEU C 437 35.18 41.24 21.79
C LEU C 437 33.92 41.75 21.08
N LEU C 438 33.84 43.08 20.86
CA LEU C 438 32.68 43.60 20.15
C LEU C 438 32.60 43.05 18.74
N ARG C 439 33.74 42.96 18.05
CA ARG C 439 33.74 42.42 16.70
C ARG C 439 33.26 40.97 16.70
N HIS C 440 33.75 40.17 17.65
CA HIS C 440 33.36 38.77 17.70
C HIS C 440 31.86 38.62 17.96
N ILE C 441 31.33 39.41 18.90
CA ILE C 441 29.91 39.32 19.18
C ILE C 441 29.09 39.76 17.97
N ASN C 442 29.48 40.87 17.34
CA ASN C 442 28.77 41.33 16.15
C ASN C 442 28.85 40.32 15.01
N LEU C 443 29.91 39.51 14.97
CA LEU C 443 30.03 38.51 13.91
C LEU C 443 28.99 37.40 14.06
N HIS C 444 28.52 37.14 15.27
CA HIS C 444 27.53 36.10 15.49
C HIS C 444 26.25 36.43 14.73
N THR C 445 25.71 35.44 14.02
CA THR C 445 24.48 35.62 13.27
C THR C 445 23.30 35.06 14.07
N GLY C 446 22.96 35.78 15.13
CA GLY C 446 21.84 35.44 15.97
C GLY C 446 21.07 36.69 16.36
N GLU C 447 19.96 36.48 17.09
CA GLU C 447 19.15 37.60 17.52
C GLU C 447 19.79 38.37 18.68
N LYS C 448 20.73 37.76 19.38
CA LYS C 448 21.53 38.45 20.40
C LYS C 448 20.63 39.06 21.47
N LEU C 449 19.64 38.30 21.92
CA LEU C 449 18.70 38.77 22.94
C LEU C 449 19.43 38.88 24.27
N PHE C 450 20.32 39.87 24.34
CA PHE C 450 21.11 40.06 25.56
C PHE C 450 20.21 40.35 26.75
N LYS C 451 19.19 41.19 26.56
CA LYS C 451 18.34 41.56 27.68
C LYS C 451 17.62 40.36 28.28
N TYR C 452 17.53 39.25 27.55
CA TYR C 452 16.90 38.04 28.04
C TYR C 452 17.92 36.96 28.40
N HIS C 453 19.20 37.25 28.29
CA HIS C 453 20.25 36.27 28.55
C HIS C 453 21.30 36.74 29.53
N LEU C 454 21.81 37.96 29.37
CA LEU C 454 22.83 38.48 30.27
C LEU C 454 22.20 39.15 31.48
#